data_5OY4
#
_entry.id   5OY4
#
_cell.length_a   152.686
_cell.length_b   152.686
_cell.length_c   212.290
_cell.angle_alpha   90.00
_cell.angle_beta   90.00
_cell.angle_gamma   120.00
#
_symmetry.space_group_name_H-M   'H 3 2'
#
loop_
_entity.id
_entity.type
_entity.pdbx_description
1 polymer 'Glycogen synthase kinase-3 beta'
2 polymer 'Proto-oncogene FRAT1'
3 non-polymer 'SULFATE ION'
4 non-polymer ~{N}-[6-[3,4-bis(oxidanyl)phenyl]-1~{H}-pyrazolo[3,4-b]pyridin-3-yl]ethanamide
5 water water
#
loop_
_entity_poly.entity_id
_entity_poly.type
_entity_poly.pdbx_seq_one_letter_code
_entity_poly.pdbx_strand_id
1 'polypeptide(L)'
;MSGRPRTTSFAESCKPVQQPSAFGSMKVSRDKDGSKVTTVVATPGQGPDRPQEVSYTDTKVIGNGSFGVVYQAKLCDSGE
LVAIKKVLQDKRFKNRELQIMRKLDHCNIVRLRYFFYSSGEKKDEVYLNLVLDYVPETVYRVARHYSRAKQTLPVIYVKL
YMYQLFRSLAYIHSFGICHRDIKPQNLLLDPDTAVLKLCDFGSAKQLVRGEPNVS(PTR)ICSRYYRAPELIFGATDYTS
SIDVWSAGCVLAELLLGQPIFPGDSGVDQLVEIIKVLGTPTREQIREMNPNYTEFKFPQIKAHPWTKVFRPRTPPEAIAL
CSRLLEYTPTARLTPLEACAHSFFDELRDPNVKLPNGRDTPALFNFTTQELSSNPPLATILIPPHARIQAAASTPTNATA
ASDANTGDRGQTNNAASASASNST
;
A,B
2 'polypeptide(L)'
;MPCRREEEEEAGEEAEGEEEEEDSFLLLQQSVALGSSGEVDRLVAQIGETLQLDAAQHSPASPCGPPGAPLRAPGPLAAA
VPADKARSPAVPLLLPPALAETVGPAPPGVLRCALGDRGRVRGRAAPYCVAELATGPSALSPLPPQADLDGPPGAGKQGI
PQPLSGPCRRGWLRGAAASRRLQQRRGSQPETRTGDDDPHRLLQQLVLSGNLIKEAVRRLHSRRLQLRAKLPQRPLLGPL
SAPVHEPPSPRSPRAACSDPGASGRAQLRTGDGVLVPGS
;
X,Y
#
# COMPACT_ATOMS: atom_id res chain seq x y z
N LYS A 36 -25.73 44.27 17.98
CA LYS A 36 -26.50 44.64 16.80
C LYS A 36 -26.97 43.40 16.01
N VAL A 37 -28.29 43.33 15.72
CA VAL A 37 -28.91 42.25 14.95
C VAL A 37 -28.99 42.69 13.50
N THR A 38 -28.38 41.91 12.59
CA THR A 38 -28.40 42.22 11.16
C THR A 38 -29.41 41.34 10.44
N THR A 39 -30.35 41.98 9.70
CA THR A 39 -31.36 41.27 8.91
C THR A 39 -31.12 41.57 7.45
N VAL A 40 -30.99 40.51 6.66
CA VAL A 40 -30.72 40.57 5.23
C VAL A 40 -31.68 39.65 4.48
N VAL A 41 -31.84 39.90 3.18
CA VAL A 41 -32.60 39.03 2.30
C VAL A 41 -31.50 38.21 1.62
N ALA A 42 -31.49 36.91 1.85
CA ALA A 42 -30.45 36.04 1.31
C ALA A 42 -31.03 34.86 0.53
N THR A 43 -30.24 34.34 -0.42
CA THR A 43 -30.62 33.21 -1.26
C THR A 43 -29.98 31.92 -0.73
N PRO A 44 -30.74 30.79 -0.62
CA PRO A 44 -30.13 29.52 -0.16
C PRO A 44 -29.01 29.06 -1.09
N GLY A 45 -27.92 28.58 -0.49
CA GLY A 45 -26.72 28.14 -1.19
C GLY A 45 -26.88 27.05 -2.25
N GLN A 46 -27.64 26.00 -1.91
CA GLN A 46 -27.86 24.85 -2.81
C GLN A 46 -28.99 25.09 -3.83
N GLY A 47 -30.11 25.58 -3.34
CA GLY A 47 -31.33 25.85 -4.09
C GLY A 47 -32.48 25.79 -3.11
N PRO A 48 -33.72 26.27 -3.39
CA PRO A 48 -34.22 27.01 -4.58
C PRO A 48 -33.67 28.44 -4.64
N ASP A 49 -33.74 29.09 -5.82
CA ASP A 49 -33.27 30.48 -5.99
C ASP A 49 -34.21 31.52 -5.33
N ARG A 50 -35.12 31.04 -4.45
CA ARG A 50 -36.10 31.83 -3.72
C ARG A 50 -35.48 32.51 -2.50
N PRO A 51 -35.35 33.86 -2.52
CA PRO A 51 -34.73 34.56 -1.38
C PRO A 51 -35.61 34.54 -0.14
N GLN A 52 -34.98 34.70 1.04
CA GLN A 52 -35.64 34.70 2.35
C GLN A 52 -34.89 35.57 3.35
N GLU A 53 -35.60 36.08 4.38
CA GLU A 53 -34.98 36.90 5.42
C GLU A 53 -34.16 36.03 6.34
N VAL A 54 -32.93 36.46 6.59
CA VAL A 54 -31.98 35.76 7.46
C VAL A 54 -31.46 36.80 8.44
N SER A 55 -31.54 36.49 9.74
CA SER A 55 -31.06 37.36 10.82
C SER A 55 -29.88 36.75 11.55
N TYR A 56 -28.84 37.56 11.80
CA TYR A 56 -27.63 37.14 12.53
C TYR A 56 -27.10 38.21 13.47
N THR A 57 -26.34 37.77 14.48
CA THR A 57 -25.78 38.65 15.52
C THR A 57 -24.37 38.18 15.93
N ASP A 58 -23.78 38.79 16.99
CA ASP A 58 -22.44 38.50 17.54
C ASP A 58 -21.34 38.51 16.46
N THR A 59 -21.44 39.48 15.53
CA THR A 59 -20.54 39.63 14.40
C THR A 59 -19.14 40.09 14.84
N LYS A 60 -18.10 39.36 14.41
CA LYS A 60 -16.69 39.65 14.70
C LYS A 60 -15.77 39.22 13.57
N VAL A 61 -14.73 40.02 13.28
CA VAL A 61 -13.75 39.71 12.22
C VAL A 61 -12.87 38.55 12.67
N ILE A 62 -12.84 37.47 11.86
CA ILE A 62 -12.02 36.30 12.17
C ILE A 62 -10.90 36.08 11.11
N GLY A 63 -10.89 36.91 10.06
CA GLY A 63 -9.90 36.88 8.99
C GLY A 63 -9.97 38.06 8.04
N ASN A 64 -8.80 38.49 7.57
CA ASN A 64 -8.65 39.61 6.66
C ASN A 64 -7.51 39.34 5.68
N GLY A 65 -7.72 39.69 4.42
CA GLY A 65 -6.73 39.51 3.37
C GLY A 65 -7.06 40.31 2.12
N SER A 66 -6.25 40.11 1.05
CA SER A 66 -6.44 40.73 -0.27
C SER A 66 -7.83 40.43 -0.86
N PHE A 67 -8.31 39.17 -0.66
CA PHE A 67 -9.60 38.62 -1.10
C PHE A 67 -10.80 39.41 -0.54
N GLY A 68 -10.69 39.80 0.74
CA GLY A 68 -11.74 40.48 1.48
C GLY A 68 -11.67 40.20 2.97
N VAL A 69 -12.85 40.10 3.61
CA VAL A 69 -12.96 39.91 5.06
C VAL A 69 -13.80 38.68 5.40
N VAL A 70 -13.44 37.96 6.47
CA VAL A 70 -14.21 36.83 6.99
C VAL A 70 -14.68 37.16 8.41
N TYR A 71 -15.99 37.03 8.66
CA TYR A 71 -16.60 37.30 9.95
C TYR A 71 -17.14 36.03 10.57
N GLN A 72 -17.30 36.03 11.87
CA GLN A 72 -17.98 34.95 12.58
C GLN A 72 -19.27 35.62 13.03
N ALA A 73 -20.39 34.90 12.93
CA ALA A 73 -21.68 35.41 13.37
C ALA A 73 -22.54 34.26 13.89
N LYS A 74 -23.64 34.57 14.57
CA LYS A 74 -24.58 33.60 15.10
C LYS A 74 -25.93 33.86 14.47
N LEU A 75 -26.55 32.83 13.87
CA LEU A 75 -27.87 32.93 13.26
C LEU A 75 -28.91 33.05 14.36
N CYS A 76 -29.81 34.04 14.27
CA CYS A 76 -30.82 34.29 15.28
C CYS A 76 -31.87 33.17 15.43
N ASP A 77 -32.23 32.51 14.32
CA ASP A 77 -33.23 31.43 14.29
C ASP A 77 -32.81 30.17 15.06
N SER A 78 -31.64 29.61 14.72
CA SER A 78 -31.15 28.35 15.28
C SER A 78 -30.03 28.48 16.34
N GLY A 79 -29.44 29.67 16.48
CA GLY A 79 -28.34 29.90 17.41
C GLY A 79 -27.02 29.32 16.89
N GLU A 80 -27.04 28.80 15.66
CA GLU A 80 -25.92 28.17 14.97
C GLU A 80 -24.89 29.20 14.54
N LEU A 81 -23.61 28.84 14.69
CA LEU A 81 -22.50 29.70 14.30
C LEU A 81 -22.27 29.59 12.81
N VAL A 82 -21.91 30.72 12.19
CA VAL A 82 -21.61 30.80 10.76
C VAL A 82 -20.36 31.65 10.53
N ALA A 83 -19.73 31.45 9.38
CA ALA A 83 -18.63 32.27 8.91
C ALA A 83 -19.20 33.07 7.73
N ILE A 84 -18.95 34.39 7.67
CA ILE A 84 -19.42 35.22 6.57
C ILE A 84 -18.22 35.74 5.80
N LYS A 85 -18.04 35.29 4.57
CA LYS A 85 -16.94 35.76 3.73
C LYS A 85 -17.49 36.88 2.84
N LYS A 86 -16.93 38.09 2.97
CA LYS A 86 -17.34 39.29 2.22
C LYS A 86 -16.27 39.66 1.18
N VAL A 87 -16.65 39.61 -0.11
CA VAL A 87 -15.76 39.87 -1.26
C VAL A 87 -16.32 40.94 -2.20
N LEU A 88 -15.45 41.84 -2.70
CA LEU A 88 -15.84 42.86 -3.69
C LEU A 88 -16.07 42.12 -5.00
N GLN A 89 -17.25 42.33 -5.60
CA GLN A 89 -17.69 41.67 -6.82
C GLN A 89 -17.92 42.62 -8.01
N ASP A 90 -17.48 42.20 -9.21
CA ASP A 90 -17.78 42.96 -10.42
C ASP A 90 -19.23 42.59 -10.84
N LYS A 91 -20.11 43.60 -11.04
CA LYS A 91 -21.51 43.36 -11.46
C LYS A 91 -21.59 42.64 -12.81
N ARG A 92 -20.79 43.08 -13.78
CA ARG A 92 -20.74 42.51 -15.13
C ARG A 92 -20.19 41.07 -15.21
N PHE A 93 -19.69 40.51 -14.09
CA PHE A 93 -19.10 39.15 -14.08
C PHE A 93 -19.59 38.27 -12.92
N LYS A 94 -19.68 36.95 -13.19
CA LYS A 94 -20.07 35.95 -12.18
C LYS A 94 -18.89 35.64 -11.28
N ASN A 95 -19.13 35.51 -9.95
CA ASN A 95 -18.07 35.22 -8.99
C ASN A 95 -17.74 33.73 -9.08
N ARG A 96 -16.46 33.46 -9.38
CA ARG A 96 -15.91 32.12 -9.56
C ARG A 96 -16.13 31.32 -8.30
N GLU A 97 -15.84 31.92 -7.14
CA GLU A 97 -15.99 31.28 -5.84
C GLU A 97 -17.45 30.88 -5.53
N LEU A 98 -18.45 31.76 -5.83
CA LEU A 98 -19.88 31.48 -5.63
C LEU A 98 -20.38 30.36 -6.55
N GLN A 99 -20.02 30.45 -7.84
CA GLN A 99 -20.39 29.48 -8.86
C GLN A 99 -19.99 28.09 -8.40
N ILE A 100 -18.72 27.94 -7.93
CA ILE A 100 -18.15 26.70 -7.42
C ILE A 100 -18.95 26.25 -6.20
N MET A 101 -19.02 27.07 -5.14
CA MET A 101 -19.74 26.78 -3.91
C MET A 101 -21.20 26.29 -4.06
N ARG A 102 -21.97 26.88 -5.00
CA ARG A 102 -23.38 26.54 -5.24
C ARG A 102 -23.52 25.12 -5.80
N LYS A 103 -22.44 24.58 -6.39
CA LYS A 103 -22.42 23.24 -7.00
C LYS A 103 -22.12 22.15 -5.99
N LEU A 104 -21.41 22.47 -4.91
CA LEU A 104 -20.93 21.47 -3.98
C LEU A 104 -21.83 21.16 -2.79
N ASP A 105 -22.03 19.85 -2.56
CA ASP A 105 -22.79 19.28 -1.45
C ASP A 105 -22.10 17.99 -1.02
N HIS A 106 -21.18 18.13 -0.05
CA HIS A 106 -20.35 17.04 0.41
C HIS A 106 -20.00 17.26 1.86
N CYS A 107 -20.05 16.17 2.63
CA CYS A 107 -19.78 16.20 4.07
C CYS A 107 -18.36 16.61 4.45
N ASN A 108 -17.40 16.62 3.49
CA ASN A 108 -16.04 17.03 3.76
C ASN A 108 -15.69 18.38 3.12
N ILE A 109 -16.73 19.18 2.81
CA ILE A 109 -16.59 20.53 2.25
C ILE A 109 -17.55 21.48 3.00
N VAL A 110 -17.02 22.63 3.49
CA VAL A 110 -17.78 23.65 4.21
C VAL A 110 -18.99 24.03 3.36
N ARG A 111 -20.19 23.87 3.92
CA ARG A 111 -21.45 24.12 3.20
C ARG A 111 -21.76 25.60 3.08
N LEU A 112 -22.22 26.01 1.87
CA LEU A 112 -22.69 27.38 1.65
C LEU A 112 -24.17 27.37 2.04
N ARG A 113 -24.50 28.02 3.16
CA ARG A 113 -25.87 28.06 3.68
C ARG A 113 -26.71 29.06 2.89
N TYR A 114 -26.18 30.30 2.76
CA TYR A 114 -26.85 31.39 2.05
C TYR A 114 -25.82 32.29 1.40
N PHE A 115 -26.28 33.15 0.50
CA PHE A 115 -25.44 34.18 -0.09
C PHE A 115 -26.30 35.42 -0.26
N PHE A 116 -25.72 36.58 -0.05
CA PHE A 116 -26.43 37.85 -0.20
C PHE A 116 -25.50 38.93 -0.70
N TYR A 117 -26.04 39.85 -1.48
CA TYR A 117 -25.25 40.96 -2.00
C TYR A 117 -25.52 42.17 -1.16
N SER A 118 -24.49 43.02 -1.01
CA SER A 118 -24.57 44.28 -0.27
C SER A 118 -23.92 45.39 -1.15
N SER A 119 -24.41 46.63 -1.01
CA SER A 119 -24.03 47.80 -1.81
C SER A 119 -22.56 48.18 -1.75
N GLY A 120 -21.96 48.29 -2.94
CA GLY A 120 -20.54 48.62 -3.11
C GLY A 120 -20.21 50.05 -3.51
N GLU A 121 -21.21 50.97 -3.46
CA GLU A 121 -21.12 52.42 -3.78
C GLU A 121 -20.83 52.72 -5.26
N LYS A 122 -19.74 52.13 -5.83
CA LYS A 122 -19.35 52.28 -7.23
C LYS A 122 -20.28 51.45 -8.11
N LYS A 123 -20.64 52.00 -9.29
CA LYS A 123 -21.55 51.48 -10.31
C LYS A 123 -21.52 49.96 -10.56
N ASP A 124 -20.33 49.37 -10.76
CA ASP A 124 -20.16 47.93 -11.02
C ASP A 124 -19.81 47.16 -9.73
N GLU A 125 -19.19 47.87 -8.77
CA GLU A 125 -18.76 47.31 -7.50
C GLU A 125 -19.94 47.08 -6.55
N VAL A 126 -20.04 45.83 -6.07
CA VAL A 126 -21.02 45.31 -5.11
C VAL A 126 -20.24 44.33 -4.23
N TYR A 127 -20.74 43.94 -3.05
CA TYR A 127 -20.05 42.92 -2.25
C TYR A 127 -20.90 41.70 -2.18
N LEU A 128 -20.26 40.54 -2.39
CA LEU A 128 -20.92 39.25 -2.26
C LEU A 128 -20.56 38.73 -0.88
N ASN A 129 -21.59 38.30 -0.13
CA ASN A 129 -21.44 37.75 1.21
C ASN A 129 -21.83 36.30 1.20
N LEU A 130 -20.89 35.42 1.53
CA LEU A 130 -21.11 33.98 1.57
C LEU A 130 -21.30 33.56 3.02
N VAL A 131 -22.48 33.04 3.34
CA VAL A 131 -22.78 32.57 4.69
C VAL A 131 -22.46 31.07 4.70
N LEU A 132 -21.38 30.71 5.39
CA LEU A 132 -20.84 29.35 5.47
C LEU A 132 -20.98 28.75 6.84
N ASP A 133 -21.02 27.41 6.93
CA ASP A 133 -21.02 26.73 8.23
C ASP A 133 -19.73 27.06 8.95
N TYR A 134 -19.83 27.35 10.25
CA TYR A 134 -18.66 27.63 11.08
C TYR A 134 -18.11 26.32 11.64
N VAL A 135 -16.78 26.19 11.59
CA VAL A 135 -16.05 25.03 12.09
C VAL A 135 -14.99 25.63 13.01
N PRO A 136 -14.93 25.18 14.29
CA PRO A 136 -14.05 25.85 15.26
C PRO A 136 -12.53 25.68 15.11
N GLU A 137 -12.05 24.52 14.57
CA GLU A 137 -10.63 24.28 14.49
C GLU A 137 -10.08 24.07 13.09
N THR A 138 -8.76 24.06 12.95
CA THR A 138 -8.07 23.79 11.68
C THR A 138 -7.03 22.70 11.92
N VAL A 139 -6.63 22.00 10.84
CA VAL A 139 -5.56 20.99 10.90
C VAL A 139 -4.28 21.71 11.33
N TYR A 140 -4.07 22.96 10.83
CA TYR A 140 -2.94 23.80 11.19
C TYR A 140 -2.80 23.96 12.71
N ARG A 141 -3.85 24.41 13.39
CA ARG A 141 -3.83 24.66 14.83
C ARG A 141 -3.62 23.38 15.64
N VAL A 142 -4.31 22.29 15.25
CA VAL A 142 -4.21 20.98 15.89
C VAL A 142 -2.77 20.47 15.79
N ALA A 143 -2.17 20.53 14.58
CA ALA A 143 -0.80 20.10 14.33
C ALA A 143 0.20 20.98 15.08
N ARG A 144 -0.06 22.30 15.16
CA ARG A 144 0.78 23.26 15.90
C ARG A 144 0.78 22.93 17.40
N HIS A 145 -0.38 22.56 17.95
CA HIS A 145 -0.53 22.17 19.34
C HIS A 145 0.40 21.01 19.68
N TYR A 146 0.34 19.94 18.87
CA TYR A 146 1.17 18.75 19.04
C TYR A 146 2.66 19.09 18.84
N SER A 147 2.97 19.94 17.82
CA SER A 147 4.34 20.36 17.50
C SER A 147 4.97 21.17 18.67
N ARG A 148 4.19 22.07 19.30
CA ARG A 148 4.63 22.85 20.46
C ARG A 148 4.90 21.94 21.68
N ALA A 149 4.11 20.86 21.83
CA ALA A 149 4.23 19.86 22.89
C ALA A 149 5.32 18.80 22.59
N LYS A 150 5.97 18.91 21.41
CA LYS A 150 7.03 18.01 20.92
C LYS A 150 6.54 16.57 20.82
N GLN A 151 5.33 16.37 20.27
CA GLN A 151 4.68 15.07 20.08
C GLN A 151 4.09 15.00 18.69
N THR A 152 4.05 13.80 18.11
CA THR A 152 3.47 13.63 16.79
C THR A 152 1.96 13.39 16.93
N LEU A 153 1.16 13.90 15.99
CA LEU A 153 -0.28 13.69 15.97
C LEU A 153 -0.50 12.15 15.90
N PRO A 154 -1.40 11.56 16.73
CA PRO A 154 -1.64 10.11 16.66
C PRO A 154 -1.99 9.68 15.23
N VAL A 155 -1.46 8.53 14.79
CA VAL A 155 -1.62 8.02 13.42
C VAL A 155 -3.09 7.87 13.00
N ILE A 156 -4.00 7.54 13.94
CA ILE A 156 -5.42 7.43 13.61
C ILE A 156 -5.98 8.74 13.08
N TYR A 157 -5.53 9.89 13.63
CA TYR A 157 -5.98 11.20 13.18
C TYR A 157 -5.35 11.55 11.84
N VAL A 158 -4.09 11.09 11.58
CA VAL A 158 -3.42 11.33 10.31
C VAL A 158 -4.24 10.60 9.23
N LYS A 159 -4.64 9.33 9.49
CA LYS A 159 -5.46 8.53 8.58
C LYS A 159 -6.81 9.21 8.35
N LEU A 160 -7.50 9.59 9.43
CA LEU A 160 -8.80 10.24 9.35
C LEU A 160 -8.81 11.52 8.60
N TYR A 161 -7.87 12.44 8.92
CA TYR A 161 -7.83 13.75 8.27
C TYR A 161 -7.47 13.62 6.80
N MET A 162 -6.43 12.84 6.48
CA MET A 162 -5.99 12.63 5.10
C MET A 162 -7.03 11.92 4.25
N TYR A 163 -7.72 10.92 4.80
CA TYR A 163 -8.76 10.22 4.06
C TYR A 163 -9.89 11.19 3.67
N GLN A 164 -10.34 12.03 4.64
CA GLN A 164 -11.42 13.00 4.41
C GLN A 164 -10.99 14.05 3.44
N LEU A 165 -9.71 14.43 3.46
CA LEU A 165 -9.17 15.39 2.49
C LEU A 165 -9.22 14.79 1.09
N PHE A 166 -8.78 13.52 0.93
CA PHE A 166 -8.82 12.86 -0.37
C PHE A 166 -10.24 12.70 -0.90
N ARG A 167 -11.22 12.46 0.00
CA ARG A 167 -12.63 12.39 -0.38
C ARG A 167 -13.13 13.73 -0.92
N SER A 168 -12.77 14.85 -0.23
CA SER A 168 -13.20 16.19 -0.64
C SER A 168 -12.57 16.48 -2.00
N LEU A 169 -11.30 16.06 -2.21
CA LEU A 169 -10.62 16.25 -3.49
C LEU A 169 -11.22 15.41 -4.59
N ALA A 170 -11.57 14.14 -4.32
CA ALA A 170 -12.20 13.27 -5.32
C ALA A 170 -13.50 13.92 -5.80
N TYR A 171 -14.25 14.49 -4.85
CA TYR A 171 -15.51 15.14 -5.13
C TYR A 171 -15.36 16.38 -6.00
N ILE A 172 -14.56 17.37 -5.55
CA ILE A 172 -14.38 18.61 -6.32
C ILE A 172 -13.75 18.34 -7.70
N HIS A 173 -12.76 17.44 -7.77
CA HIS A 173 -12.10 17.11 -9.02
C HIS A 173 -13.06 16.50 -10.04
N SER A 174 -14.13 15.79 -9.57
CA SER A 174 -15.12 15.18 -10.46
C SER A 174 -15.96 16.23 -11.25
N PHE A 175 -15.94 17.49 -10.80
CA PHE A 175 -16.61 18.62 -11.46
C PHE A 175 -15.61 19.41 -12.28
N GLY A 176 -14.34 18.98 -12.24
CA GLY A 176 -13.23 19.65 -12.89
C GLY A 176 -12.72 20.82 -12.09
N ILE A 177 -13.16 20.93 -10.82
CA ILE A 177 -12.75 22.01 -9.92
C ILE A 177 -11.44 21.67 -9.22
N CYS A 178 -10.46 22.56 -9.33
CA CYS A 178 -9.18 22.43 -8.67
C CYS A 178 -9.15 23.47 -7.55
N HIS A 179 -8.82 23.07 -6.31
CA HIS A 179 -8.80 24.00 -5.18
C HIS A 179 -7.69 25.05 -5.27
N ARG A 180 -6.48 24.62 -5.65
CA ARG A 180 -5.30 25.46 -5.83
C ARG A 180 -4.80 26.17 -4.56
N ASP A 181 -5.24 25.76 -3.37
CA ASP A 181 -4.71 26.33 -2.11
C ASP A 181 -4.85 25.33 -0.96
N ILE A 182 -4.51 24.06 -1.23
CA ILE A 182 -4.56 23.02 -0.20
C ILE A 182 -3.38 23.24 0.75
N LYS A 183 -3.68 23.51 2.02
CA LYS A 183 -2.71 23.76 3.09
C LYS A 183 -3.41 23.48 4.42
N PRO A 184 -2.68 23.17 5.51
CA PRO A 184 -3.36 22.85 6.80
C PRO A 184 -4.34 23.90 7.28
N GLN A 185 -4.06 25.18 7.00
CA GLN A 185 -4.89 26.33 7.38
C GLN A 185 -6.29 26.29 6.74
N ASN A 186 -6.42 25.67 5.56
CA ASN A 186 -7.69 25.55 4.82
C ASN A 186 -8.43 24.23 5.10
N LEU A 187 -7.98 23.48 6.10
CA LEU A 187 -8.61 22.21 6.45
C LEU A 187 -9.23 22.36 7.82
N LEU A 188 -10.56 22.54 7.85
CA LEU A 188 -11.28 22.76 9.10
C LEU A 188 -11.64 21.49 9.81
N LEU A 189 -11.64 21.53 11.14
CA LEU A 189 -11.93 20.36 11.97
C LEU A 189 -12.94 20.62 13.07
N ASP A 190 -13.81 19.62 13.30
CA ASP A 190 -14.69 19.57 14.45
C ASP A 190 -13.87 18.67 15.42
N PRO A 191 -13.29 19.26 16.50
CA PRO A 191 -12.38 18.46 17.36
C PRO A 191 -13.00 17.22 18.02
N ASP A 192 -14.32 17.23 18.28
CA ASP A 192 -14.99 16.11 18.92
C ASP A 192 -15.27 14.93 17.98
N THR A 193 -15.83 15.22 16.78
CA THR A 193 -16.23 14.20 15.81
C THR A 193 -15.14 13.78 14.82
N ALA A 194 -14.04 14.55 14.76
CA ALA A 194 -12.91 14.34 13.84
C ALA A 194 -13.33 14.57 12.37
N VAL A 195 -14.49 15.26 12.13
CA VAL A 195 -14.95 15.61 10.79
C VAL A 195 -14.02 16.70 10.24
N LEU A 196 -13.51 16.50 9.01
CA LEU A 196 -12.67 17.45 8.32
C LEU A 196 -13.50 18.05 7.19
N LYS A 197 -13.41 19.37 7.02
CA LYS A 197 -14.10 20.08 5.94
C LYS A 197 -13.14 21.02 5.25
N LEU A 198 -13.05 20.88 3.94
CA LEU A 198 -12.21 21.72 3.08
C LEU A 198 -12.86 23.10 2.96
N CYS A 199 -12.05 24.18 3.13
CA CYS A 199 -12.56 25.54 3.01
C CYS A 199 -11.70 26.43 2.11
N ASP A 200 -12.13 27.68 1.94
CA ASP A 200 -11.52 28.75 1.16
C ASP A 200 -11.34 28.39 -0.32
N PHE A 201 -12.38 28.64 -1.10
CA PHE A 201 -12.41 28.39 -2.52
C PHE A 201 -12.06 29.66 -3.33
N GLY A 202 -11.40 30.61 -2.65
CA GLY A 202 -10.95 31.88 -3.20
C GLY A 202 -9.93 31.76 -4.31
N SER A 203 -9.12 30.68 -4.33
CA SER A 203 -8.11 30.40 -5.35
C SER A 203 -8.60 29.31 -6.33
N ALA A 204 -9.74 28.66 -6.03
CA ALA A 204 -10.28 27.57 -6.85
C ALA A 204 -10.72 27.99 -8.25
N LYS A 205 -10.62 27.03 -9.18
CA LYS A 205 -10.99 27.25 -10.56
C LYS A 205 -11.46 25.97 -11.21
N GLN A 206 -12.47 26.09 -12.09
CA GLN A 206 -12.91 24.96 -12.89
C GLN A 206 -11.90 24.91 -14.07
N LEU A 207 -10.99 23.93 -14.05
CA LEU A 207 -9.96 23.83 -15.08
C LEU A 207 -10.52 23.28 -16.37
N VAL A 208 -10.14 23.91 -17.48
CA VAL A 208 -10.55 23.49 -18.80
C VAL A 208 -9.26 23.26 -19.58
N ARG A 209 -9.05 22.03 -20.12
CA ARG A 209 -7.87 21.69 -20.90
C ARG A 209 -7.77 22.63 -22.10
N GLY A 210 -6.58 23.17 -22.32
CA GLY A 210 -6.34 24.10 -23.40
C GLY A 210 -6.59 25.55 -23.09
N GLU A 211 -7.14 25.85 -21.89
CA GLU A 211 -7.37 27.22 -21.43
C GLU A 211 -6.32 27.47 -20.37
N PRO A 212 -5.36 28.41 -20.60
CA PRO A 212 -4.25 28.60 -19.64
C PRO A 212 -4.67 29.04 -18.23
N ASN A 213 -3.85 28.64 -17.26
CA ASN A 213 -4.07 28.93 -15.84
C ASN A 213 -2.81 29.58 -15.28
N VAL A 214 -2.97 30.45 -14.29
CA VAL A 214 -1.84 31.16 -13.67
C VAL A 214 -0.86 30.19 -12.97
N SER A 215 0.47 30.32 -13.21
CA SER A 215 1.47 29.44 -12.56
C SER A 215 1.80 29.85 -11.12
N ILE A 217 0.52 30.27 -8.11
CA ILE A 217 -0.69 29.92 -7.36
C ILE A 217 -0.24 28.92 -6.29
N CYS A 218 -1.00 28.77 -5.19
CA CYS A 218 -0.70 27.92 -4.04
C CYS A 218 0.16 28.64 -3.00
N SER A 219 0.14 28.12 -1.78
CA SER A 219 0.95 28.63 -0.68
C SER A 219 2.30 27.98 -0.83
N ARG A 220 3.34 28.80 -1.09
CA ARG A 220 4.69 28.37 -1.42
C ARG A 220 5.10 26.96 -0.96
N TYR A 221 5.00 26.65 0.34
CA TYR A 221 5.44 25.35 0.88
C TYR A 221 4.71 24.16 0.27
N TYR A 222 3.48 24.39 -0.22
CA TYR A 222 2.55 23.38 -0.77
C TYR A 222 2.44 23.44 -2.29
N ARG A 223 3.20 24.34 -2.93
CA ARG A 223 3.21 24.54 -4.39
C ARG A 223 3.88 23.39 -5.18
N ALA A 224 3.11 22.77 -6.11
CA ALA A 224 3.59 21.69 -6.97
C ALA A 224 4.79 22.15 -7.84
N PRO A 225 5.77 21.27 -8.13
CA PRO A 225 6.94 21.68 -8.90
C PRO A 225 6.62 22.17 -10.32
N GLU A 226 5.57 21.63 -10.98
CA GLU A 226 5.22 22.08 -12.33
C GLU A 226 4.85 23.58 -12.32
N LEU A 227 4.34 24.06 -11.16
CA LEU A 227 3.99 25.48 -11.00
C LEU A 227 5.25 26.32 -10.90
N ILE A 228 6.30 25.80 -10.22
CA ILE A 228 7.61 26.46 -10.09
C ILE A 228 8.25 26.54 -11.48
N PHE A 229 8.09 25.47 -12.29
CA PHE A 229 8.62 25.43 -13.67
C PHE A 229 7.80 26.28 -14.67
N GLY A 230 6.80 26.99 -14.17
CA GLY A 230 5.96 27.89 -14.96
C GLY A 230 4.91 27.26 -15.86
N ALA A 231 4.42 26.07 -15.51
CA ALA A 231 3.37 25.43 -16.29
C ALA A 231 2.05 26.23 -16.19
N THR A 232 1.31 26.31 -17.31
CA THR A 232 -0.01 26.98 -17.37
C THR A 232 -1.08 25.96 -17.80
N ASP A 233 -0.64 24.75 -18.20
CA ASP A 233 -1.44 23.63 -18.68
C ASP A 233 -1.63 22.55 -17.60
N TYR A 234 -1.38 22.90 -16.33
CA TYR A 234 -1.48 21.97 -15.23
C TYR A 234 -2.91 21.48 -14.98
N THR A 235 -3.03 20.42 -14.18
CA THR A 235 -4.29 19.76 -13.86
C THR A 235 -4.55 19.81 -12.35
N SER A 236 -5.65 19.17 -11.92
CA SER A 236 -6.04 19.07 -10.51
C SER A 236 -5.02 18.26 -9.68
N SER A 237 -4.04 17.57 -10.35
CA SER A 237 -2.98 16.83 -9.64
C SER A 237 -2.09 17.75 -8.82
N ILE A 238 -2.20 19.10 -9.02
CA ILE A 238 -1.43 20.04 -8.20
C ILE A 238 -1.96 19.96 -6.75
N ASP A 239 -3.27 19.65 -6.57
CA ASP A 239 -3.90 19.53 -5.25
C ASP A 239 -3.41 18.30 -4.54
N VAL A 240 -3.10 17.23 -5.31
CA VAL A 240 -2.58 15.96 -4.79
C VAL A 240 -1.14 16.16 -4.30
N TRP A 241 -0.35 16.97 -5.02
CA TRP A 241 0.99 17.32 -4.53
C TRP A 241 0.84 18.02 -3.16
N SER A 242 -0.04 19.03 -3.07
CA SER A 242 -0.28 19.78 -1.85
C SER A 242 -0.76 18.89 -0.72
N ALA A 243 -1.64 17.89 -1.03
CA ALA A 243 -2.15 16.92 -0.04
C ALA A 243 -0.99 16.07 0.47
N GLY A 244 -0.06 15.70 -0.40
CA GLY A 244 1.14 14.98 -0.01
C GLY A 244 2.01 15.79 0.94
N CYS A 245 2.09 17.12 0.70
CA CYS A 245 2.83 18.03 1.59
C CYS A 245 2.21 18.12 2.99
N VAL A 246 0.84 18.10 3.04
CA VAL A 246 0.11 18.14 4.32
C VAL A 246 0.41 16.85 5.08
N LEU A 247 0.30 15.69 4.38
CA LEU A 247 0.57 14.42 5.01
C LEU A 247 1.98 14.42 5.60
N ALA A 248 3.00 14.76 4.80
CA ALA A 248 4.39 14.78 5.23
C ALA A 248 4.56 15.68 6.45
N GLU A 249 3.88 16.84 6.46
CA GLU A 249 3.93 17.81 7.56
C GLU A 249 3.36 17.21 8.84
N LEU A 250 2.26 16.43 8.74
CA LEU A 250 1.64 15.76 9.90
C LEU A 250 2.58 14.70 10.45
N LEU A 251 3.42 14.10 9.59
CA LEU A 251 4.37 13.08 10.01
C LEU A 251 5.64 13.66 10.59
N LEU A 252 6.07 14.82 10.06
CA LEU A 252 7.31 15.49 10.47
C LEU A 252 7.18 16.44 11.64
N GLY A 253 6.03 17.06 11.78
CA GLY A 253 5.78 18.07 12.80
C GLY A 253 6.21 19.46 12.36
N GLN A 254 6.52 19.61 11.06
CA GLN A 254 6.96 20.84 10.39
C GLN A 254 6.81 20.66 8.85
N PRO A 255 6.69 21.75 8.05
CA PRO A 255 6.59 21.58 6.59
C PRO A 255 7.77 20.83 6.00
N ILE A 256 7.48 19.94 5.04
CA ILE A 256 8.53 19.15 4.37
C ILE A 256 9.41 20.03 3.47
N PHE A 257 8.80 21.01 2.75
CA PHE A 257 9.54 21.85 1.81
C PHE A 257 9.42 23.33 2.18
N PRO A 258 10.19 23.81 3.20
CA PRO A 258 10.03 25.20 3.62
C PRO A 258 10.87 26.22 2.81
N GLY A 259 10.51 26.43 1.56
CA GLY A 259 11.25 27.37 0.72
C GLY A 259 11.15 28.81 1.17
N ASP A 260 12.27 29.54 1.11
CA ASP A 260 12.36 30.95 1.48
C ASP A 260 11.96 31.90 0.34
N SER A 261 11.79 31.34 -0.88
CA SER A 261 11.41 32.00 -2.13
C SER A 261 10.97 30.93 -3.12
N GLY A 262 10.52 31.35 -4.32
CA GLY A 262 10.11 30.44 -5.39
C GLY A 262 11.23 29.53 -5.85
N VAL A 263 12.43 30.09 -5.98
CA VAL A 263 13.62 29.32 -6.38
C VAL A 263 14.02 28.38 -5.22
N ASP A 264 14.02 28.91 -3.97
CA ASP A 264 14.36 28.12 -2.80
C ASP A 264 13.37 26.98 -2.55
N GLN A 265 12.14 27.14 -3.04
CA GLN A 265 11.14 26.07 -2.96
C GLN A 265 11.60 24.85 -3.76
N LEU A 266 12.17 25.07 -4.97
CA LEU A 266 12.71 24.00 -5.79
C LEU A 266 13.95 23.39 -5.13
N VAL A 267 14.80 24.23 -4.52
CA VAL A 267 15.99 23.78 -3.79
C VAL A 267 15.54 22.74 -2.73
N GLU A 268 14.50 23.08 -1.94
CA GLU A 268 13.93 22.23 -0.90
C GLU A 268 13.42 20.91 -1.46
N ILE A 269 12.76 20.96 -2.64
CA ILE A 269 12.24 19.76 -3.30
C ILE A 269 13.41 18.87 -3.76
N ILE A 270 14.44 19.47 -4.39
CA ILE A 270 15.61 18.72 -4.85
C ILE A 270 16.32 18.01 -3.71
N LYS A 271 16.41 18.61 -2.52
CA LYS A 271 17.04 17.99 -1.34
C LYS A 271 16.41 16.64 -1.02
N VAL A 272 15.14 16.43 -1.41
CA VAL A 272 14.42 15.17 -1.17
C VAL A 272 14.30 14.32 -2.45
N LEU A 273 13.71 14.86 -3.50
CA LEU A 273 13.43 14.16 -4.76
C LEU A 273 14.62 14.06 -5.69
N GLY A 274 15.67 14.85 -5.43
CA GLY A 274 16.83 14.95 -6.31
C GLY A 274 16.40 15.76 -7.51
N THR A 275 17.22 15.83 -8.56
CA THR A 275 16.85 16.59 -9.76
C THR A 275 15.83 15.81 -10.61
N PRO A 276 14.92 16.49 -11.36
CA PRO A 276 14.02 15.73 -12.24
C PRO A 276 14.77 15.23 -13.46
N THR A 277 14.26 14.18 -14.12
CA THR A 277 14.88 13.66 -15.35
C THR A 277 14.38 14.53 -16.50
N ARG A 278 14.99 14.41 -17.70
CA ARG A 278 14.53 15.16 -18.87
C ARG A 278 13.04 14.85 -19.16
N GLU A 279 12.62 13.58 -18.94
CA GLU A 279 11.24 13.14 -19.13
C GLU A 279 10.29 13.79 -18.10
N GLN A 280 10.71 13.87 -16.82
CA GLN A 280 9.90 14.51 -15.77
C GLN A 280 9.72 15.99 -16.05
N ILE A 281 10.77 16.67 -16.57
CA ILE A 281 10.69 18.09 -16.91
C ILE A 281 9.61 18.30 -17.99
N ARG A 282 9.65 17.45 -19.05
CA ARG A 282 8.68 17.50 -20.15
C ARG A 282 7.25 17.30 -19.62
N GLU A 283 7.07 16.35 -18.69
CA GLU A 283 5.77 16.05 -18.07
C GLU A 283 5.28 17.19 -17.20
N MET A 284 6.19 17.97 -16.57
CA MET A 284 5.83 19.10 -15.71
C MET A 284 5.46 20.32 -16.56
N ASN A 285 6.35 20.70 -17.51
CA ASN A 285 6.14 21.83 -18.40
C ASN A 285 6.82 21.54 -19.74
N PRO A 286 6.02 21.12 -20.75
CA PRO A 286 6.60 20.80 -22.06
C PRO A 286 7.23 22.00 -22.77
N ASN A 287 6.95 23.22 -22.30
CA ASN A 287 7.48 24.46 -22.86
C ASN A 287 8.78 24.88 -22.20
N TYR A 288 9.20 24.15 -21.13
CA TYR A 288 10.47 24.42 -20.45
C TYR A 288 11.54 23.45 -20.94
N THR A 289 12.72 24.02 -21.29
CA THR A 289 13.88 23.29 -21.77
C THR A 289 15.13 23.68 -21.00
N GLU A 290 15.89 22.69 -20.53
CA GLU A 290 17.16 22.89 -19.85
C GLU A 290 18.15 21.87 -20.33
N PHE A 291 18.96 22.36 -21.25
CA PHE A 291 20.08 21.78 -21.98
C PHE A 291 20.92 20.89 -21.06
N LYS A 292 21.64 21.53 -20.13
CA LYS A 292 22.54 20.88 -19.20
C LYS A 292 22.26 21.36 -17.78
N PHE A 293 22.40 20.45 -16.82
CA PHE A 293 22.28 20.71 -15.39
C PHE A 293 22.93 19.56 -14.60
N PRO A 294 23.45 19.82 -13.39
CA PRO A 294 24.08 18.73 -12.64
C PRO A 294 23.00 17.83 -12.06
N GLN A 295 23.14 16.51 -12.24
CA GLN A 295 22.16 15.56 -11.72
C GLN A 295 22.39 15.29 -10.23
N ILE A 296 21.31 15.35 -9.41
CA ILE A 296 21.33 15.10 -7.97
C ILE A 296 20.39 13.93 -7.68
N LYS A 297 20.92 12.91 -6.97
CA LYS A 297 20.17 11.71 -6.59
C LYS A 297 19.14 12.07 -5.50
N ALA A 298 18.03 11.31 -5.48
CA ALA A 298 16.99 11.48 -4.49
C ALA A 298 17.52 11.03 -3.13
N HIS A 299 17.01 11.63 -2.06
CA HIS A 299 17.33 11.25 -0.71
C HIS A 299 16.31 10.14 -0.36
N PRO A 300 16.70 9.00 0.29
CA PRO A 300 15.72 7.96 0.62
C PRO A 300 14.57 8.44 1.50
N TRP A 301 13.34 8.08 1.10
CA TRP A 301 12.12 8.48 1.81
C TRP A 301 12.12 8.06 3.28
N THR A 302 12.71 6.89 3.58
CA THR A 302 12.75 6.35 4.93
C THR A 302 13.65 7.17 5.85
N LYS A 303 14.53 8.02 5.26
CA LYS A 303 15.44 8.90 6.00
C LYS A 303 14.91 10.33 6.10
N VAL A 304 13.89 10.64 5.27
CA VAL A 304 13.23 11.95 5.29
C VAL A 304 12.42 12.06 6.59
N PHE A 305 11.77 10.95 6.98
CA PHE A 305 10.92 10.88 8.15
C PHE A 305 11.65 10.32 9.35
N ARG A 306 11.09 10.58 10.57
CA ARG A 306 11.63 10.05 11.84
C ARG A 306 11.56 8.49 11.81
N PRO A 307 12.45 7.78 12.53
CA PRO A 307 12.42 6.30 12.49
C PRO A 307 11.06 5.65 12.77
N ARG A 308 10.31 6.15 13.76
CA ARG A 308 9.04 5.51 14.10
C ARG A 308 7.85 5.96 13.20
N THR A 309 8.12 6.53 12.02
CA THR A 309 7.06 6.89 11.07
C THR A 309 6.42 5.60 10.46
N PRO A 310 5.06 5.45 10.50
CA PRO A 310 4.45 4.24 9.92
C PRO A 310 4.87 4.05 8.47
N PRO A 311 5.42 2.87 8.10
CA PRO A 311 5.93 2.69 6.71
C PRO A 311 4.86 2.89 5.64
N GLU A 312 3.58 2.54 5.93
CA GLU A 312 2.51 2.77 4.96
C GLU A 312 2.29 4.26 4.70
N ALA A 313 2.50 5.13 5.72
CA ALA A 313 2.37 6.57 5.55
C ALA A 313 3.47 7.09 4.63
N ILE A 314 4.72 6.57 4.78
CA ILE A 314 5.87 6.95 3.93
C ILE A 314 5.60 6.48 2.49
N ALA A 315 5.11 5.23 2.32
CA ALA A 315 4.80 4.67 1.02
C ALA A 315 3.75 5.53 0.33
N LEU A 316 2.68 5.93 1.04
CA LEU A 316 1.64 6.77 0.45
C LEU A 316 2.25 8.08 0.00
N CYS A 317 3.02 8.70 0.88
CA CYS A 317 3.65 9.97 0.61
C CYS A 317 4.54 9.95 -0.64
N SER A 318 5.28 8.85 -0.86
CA SER A 318 6.15 8.67 -2.01
C SER A 318 5.37 8.61 -3.33
N ARG A 319 4.05 8.31 -3.26
CA ARG A 319 3.15 8.21 -4.43
C ARG A 319 2.37 9.50 -4.69
N LEU A 320 2.56 10.50 -3.82
CA LEU A 320 1.90 11.79 -3.94
C LEU A 320 2.94 12.84 -4.31
N LEU A 321 4.12 12.79 -3.69
CA LEU A 321 5.18 13.76 -3.95
C LEU A 321 6.09 13.24 -5.04
N GLU A 322 5.56 13.26 -6.28
CA GLU A 322 6.22 12.81 -7.50
C GLU A 322 6.35 14.00 -8.43
N TYR A 323 7.48 14.10 -9.14
CA TYR A 323 7.66 15.17 -10.12
C TYR A 323 6.62 15.02 -11.23
N THR A 324 6.48 13.81 -11.81
CA THR A 324 5.52 13.57 -12.91
C THR A 324 4.09 13.72 -12.41
N PRO A 325 3.36 14.77 -12.87
CA PRO A 325 2.01 15.01 -12.36
C PRO A 325 1.05 13.85 -12.57
N THR A 326 1.16 13.15 -13.72
CA THR A 326 0.30 12.01 -14.04
C THR A 326 0.65 10.75 -13.24
N ALA A 327 1.85 10.71 -12.61
CA ALA A 327 2.27 9.55 -11.81
C ALA A 327 1.71 9.62 -10.38
N ARG A 328 1.22 10.80 -9.95
CA ARG A 328 0.63 10.96 -8.62
C ARG A 328 -0.67 10.21 -8.55
N LEU A 329 -0.98 9.65 -7.38
CA LEU A 329 -2.24 8.96 -7.19
C LEU A 329 -3.39 9.94 -7.38
N THR A 330 -4.51 9.47 -7.94
CA THR A 330 -5.70 10.30 -8.00
C THR A 330 -6.25 10.28 -6.53
N PRO A 331 -7.08 11.27 -6.10
CA PRO A 331 -7.64 11.24 -4.74
C PRO A 331 -8.39 9.94 -4.41
N LEU A 332 -9.18 9.38 -5.36
CA LEU A 332 -9.90 8.13 -5.12
C LEU A 332 -8.95 6.97 -4.93
N GLU A 333 -7.84 6.95 -5.73
CA GLU A 333 -6.81 5.91 -5.60
C GLU A 333 -6.16 6.05 -4.23
N ALA A 334 -5.95 7.29 -3.75
CA ALA A 334 -5.34 7.53 -2.44
C ALA A 334 -6.26 7.02 -1.33
N CYS A 335 -7.58 7.25 -1.42
CA CYS A 335 -8.56 6.73 -0.45
C CYS A 335 -8.46 5.20 -0.31
N ALA A 336 -8.24 4.48 -1.44
CA ALA A 336 -8.12 3.02 -1.52
C ALA A 336 -6.73 2.51 -1.12
N HIS A 337 -5.79 3.41 -0.77
CA HIS A 337 -4.44 3.01 -0.36
C HIS A 337 -4.48 2.21 0.93
N SER A 338 -3.56 1.25 1.07
CA SER A 338 -3.49 0.40 2.27
C SER A 338 -3.26 1.19 3.58
N PHE A 339 -2.74 2.43 3.52
CA PHE A 339 -2.56 3.27 4.71
C PHE A 339 -3.91 3.49 5.41
N PHE A 340 -5.01 3.54 4.64
CA PHE A 340 -6.33 3.77 5.20
C PHE A 340 -7.11 2.49 5.56
N ASP A 341 -6.43 1.31 5.54
CA ASP A 341 -7.09 0.02 5.84
C ASP A 341 -7.72 -0.02 7.23
N GLU A 342 -7.12 0.65 8.24
CA GLU A 342 -7.65 0.68 9.61
C GLU A 342 -9.02 1.35 9.63
N LEU A 343 -9.24 2.36 8.78
CA LEU A 343 -10.51 3.07 8.70
C LEU A 343 -11.64 2.18 8.19
N ARG A 344 -11.30 1.13 7.40
CA ARG A 344 -12.25 0.17 6.83
C ARG A 344 -12.52 -1.02 7.76
N ASP A 345 -11.87 -1.05 8.93
CA ASP A 345 -12.07 -2.08 9.94
C ASP A 345 -13.42 -1.81 10.63
N PRO A 346 -14.32 -2.81 10.75
CA PRO A 346 -15.62 -2.54 11.43
C PRO A 346 -15.51 -2.11 12.90
N ASN A 347 -14.41 -2.52 13.58
CA ASN A 347 -14.17 -2.27 15.00
C ASN A 347 -13.43 -0.96 15.30
N VAL A 348 -13.19 -0.12 14.29
CA VAL A 348 -12.47 1.13 14.47
C VAL A 348 -13.28 2.16 15.30
N LYS A 349 -12.57 2.83 16.22
CA LYS A 349 -13.10 3.88 17.09
C LYS A 349 -12.05 4.98 17.22
N LEU A 350 -12.51 6.20 17.55
CA LEU A 350 -11.62 7.33 17.81
C LEU A 350 -10.95 7.10 19.19
N PRO A 351 -9.76 7.70 19.48
CA PRO A 351 -9.17 7.53 20.82
C PRO A 351 -10.07 8.05 21.97
N ASN A 352 -10.99 8.99 21.65
CA ASN A 352 -11.94 9.55 22.63
C ASN A 352 -13.12 8.59 22.89
N GLY A 353 -13.16 7.46 22.17
CA GLY A 353 -14.18 6.43 22.30
C GLY A 353 -15.35 6.53 21.35
N ARG A 354 -15.54 7.71 20.71
CA ARG A 354 -16.62 7.95 19.75
C ARG A 354 -16.42 7.12 18.48
N ASP A 355 -17.48 7.00 17.68
CA ASP A 355 -17.44 6.32 16.39
C ASP A 355 -16.75 7.24 15.42
N THR A 356 -16.16 6.67 14.37
CA THR A 356 -15.52 7.50 13.33
C THR A 356 -16.64 8.24 12.58
N PRO A 357 -16.37 9.42 11.96
CA PRO A 357 -17.43 10.07 11.16
C PRO A 357 -17.78 9.20 9.93
N ALA A 358 -18.80 9.60 9.14
CA ALA A 358 -19.21 8.87 7.92
C ALA A 358 -18.03 8.85 6.96
N LEU A 359 -17.63 7.64 6.53
CA LEU A 359 -16.47 7.45 5.65
C LEU A 359 -16.79 6.77 4.34
N PHE A 360 -17.93 6.04 4.28
CA PHE A 360 -18.25 5.22 3.12
C PHE A 360 -19.50 5.62 2.34
N ASN A 361 -20.12 6.76 2.66
CA ASN A 361 -21.31 7.27 1.96
C ASN A 361 -20.91 7.94 0.62
N PHE A 362 -20.25 7.15 -0.26
CA PHE A 362 -19.81 7.60 -1.58
C PHE A 362 -20.98 7.74 -2.53
N THR A 363 -20.93 8.76 -3.37
CA THR A 363 -21.97 8.98 -4.37
C THR A 363 -21.41 8.67 -5.74
N THR A 364 -22.32 8.51 -6.74
CA THR A 364 -21.96 8.21 -8.13
C THR A 364 -21.02 9.31 -8.66
N GLN A 365 -21.26 10.57 -8.25
CA GLN A 365 -20.44 11.71 -8.63
C GLN A 365 -18.99 11.54 -8.14
N GLU A 366 -18.82 11.24 -6.84
CA GLU A 366 -17.51 11.09 -6.20
C GLU A 366 -16.73 9.91 -6.76
N LEU A 367 -17.44 8.85 -7.19
CA LEU A 367 -16.85 7.64 -7.76
C LEU A 367 -16.67 7.67 -9.28
N SER A 368 -17.11 8.75 -9.95
CA SER A 368 -17.12 8.89 -11.42
C SER A 368 -15.77 8.66 -12.13
N SER A 369 -14.63 9.09 -11.53
CA SER A 369 -13.29 8.89 -12.10
C SER A 369 -12.90 7.40 -12.24
N ASN A 370 -13.44 6.53 -11.36
CA ASN A 370 -13.16 5.10 -11.36
C ASN A 370 -14.29 4.34 -10.66
N PRO A 371 -15.47 4.20 -11.31
CA PRO A 371 -16.60 3.54 -10.62
C PRO A 371 -16.31 2.17 -10.04
N PRO A 372 -15.55 1.23 -10.70
CA PRO A 372 -15.35 -0.10 -10.08
C PRO A 372 -14.68 -0.09 -8.71
N LEU A 373 -13.88 0.97 -8.41
CA LEU A 373 -13.18 1.14 -7.12
C LEU A 373 -14.10 1.11 -5.90
N ALA A 374 -15.41 1.41 -6.09
CA ALA A 374 -16.45 1.43 -5.07
C ALA A 374 -16.49 0.17 -4.22
N THR A 375 -16.31 -1.00 -4.82
CA THR A 375 -16.39 -2.28 -4.10
C THR A 375 -15.18 -2.52 -3.16
N ILE A 376 -14.08 -1.74 -3.33
CA ILE A 376 -12.89 -1.75 -2.45
C ILE A 376 -13.05 -0.65 -1.34
N LEU A 377 -13.56 0.53 -1.75
CA LEU A 377 -13.75 1.68 -0.86
C LEU A 377 -14.87 1.50 0.13
N ILE A 378 -15.91 0.79 -0.28
CA ILE A 378 -17.08 0.51 0.55
C ILE A 378 -16.94 -0.91 1.10
N PRO A 379 -16.47 -1.06 2.35
CA PRO A 379 -16.27 -2.41 2.91
C PRO A 379 -17.59 -3.16 3.14
N PRO A 380 -17.58 -4.51 3.19
CA PRO A 380 -18.84 -5.26 3.38
C PRO A 380 -19.75 -4.76 4.49
N HIS A 381 -19.18 -4.43 5.67
CA HIS A 381 -19.93 -3.95 6.85
C HIS A 381 -20.65 -2.60 6.64
N ALA A 382 -20.22 -1.83 5.62
CA ALA A 382 -20.75 -0.52 5.29
C ALA A 382 -21.91 -0.54 4.29
N ARG A 383 -22.03 -1.64 3.50
CA ARG A 383 -23.06 -1.80 2.48
C ARG A 383 -24.47 -1.90 3.06
N ILE A 384 -25.45 -1.36 2.30
CA ILE A 384 -26.90 -1.29 2.58
C ILE A 384 -27.48 -2.69 2.85
N GLN A 385 -28.39 -2.79 3.86
CA GLN A 385 -29.05 -4.03 4.28
C GLN A 385 -30.20 -4.43 3.35
N ARG B 30 21.99 -49.08 -20.10
CA ARG B 30 20.99 -49.56 -21.05
C ARG B 30 20.96 -48.80 -22.39
N ASP B 31 21.09 -47.43 -22.39
CA ASP B 31 21.04 -46.62 -23.62
C ASP B 31 22.43 -46.31 -24.20
N LYS B 32 22.47 -45.58 -25.34
CA LYS B 32 23.66 -45.17 -26.10
C LYS B 32 24.78 -44.51 -25.26
N ASP B 33 24.40 -43.64 -24.29
CA ASP B 33 25.38 -43.00 -23.41
C ASP B 33 25.57 -43.79 -22.09
N GLY B 34 25.36 -45.13 -22.19
CA GLY B 34 25.48 -46.10 -21.12
C GLY B 34 24.45 -46.05 -20.02
N SER B 35 23.60 -44.99 -19.99
CA SER B 35 22.59 -44.73 -18.96
C SER B 35 21.39 -45.68 -19.03
N LYS B 36 21.04 -46.19 -17.86
CA LYS B 36 19.93 -47.12 -17.64
C LYS B 36 18.62 -46.44 -18.02
N VAL B 37 17.83 -47.09 -18.94
CA VAL B 37 16.50 -46.59 -19.35
C VAL B 37 15.45 -47.28 -18.48
N THR B 38 14.60 -46.48 -17.84
CA THR B 38 13.60 -47.00 -16.94
C THR B 38 12.24 -46.84 -17.58
N THR B 39 11.48 -47.94 -17.64
CA THR B 39 10.13 -47.93 -18.19
C THR B 39 9.15 -48.35 -17.11
N VAL B 40 8.16 -47.48 -16.88
CA VAL B 40 7.14 -47.69 -15.86
C VAL B 40 5.77 -47.49 -16.47
N VAL B 41 4.74 -48.01 -15.80
CA VAL B 41 3.36 -47.77 -16.17
C VAL B 41 2.94 -46.67 -15.17
N ALA B 42 2.62 -45.48 -15.70
CA ALA B 42 2.28 -44.34 -14.85
C ALA B 42 0.93 -43.74 -15.23
N THR B 43 0.29 -43.07 -14.25
CA THR B 43 -1.01 -42.44 -14.42
C THR B 43 -0.83 -40.92 -14.61
N PRO B 44 -1.52 -40.29 -15.59
CA PRO B 44 -1.40 -38.83 -15.77
C PRO B 44 -1.84 -38.06 -14.52
N GLY B 45 -1.07 -37.02 -14.16
CA GLY B 45 -1.32 -36.20 -12.96
C GLY B 45 -2.67 -35.50 -12.89
N GLN B 46 -3.02 -34.83 -13.99
CA GLN B 46 -4.29 -34.14 -14.17
C GLN B 46 -4.78 -34.47 -15.59
N GLY B 47 -5.70 -35.43 -15.65
CA GLY B 47 -6.29 -35.92 -16.89
C GLY B 47 -7.08 -37.18 -16.60
N PRO B 48 -7.03 -38.22 -17.46
CA PRO B 48 -7.80 -39.44 -17.14
C PRO B 48 -7.02 -40.40 -16.24
N ASP B 49 -7.74 -41.23 -15.47
CA ASP B 49 -7.10 -42.23 -14.60
C ASP B 49 -6.52 -43.43 -15.42
N ARG B 50 -6.43 -43.28 -16.76
CA ARG B 50 -5.92 -44.29 -17.69
C ARG B 50 -4.39 -44.35 -17.69
N PRO B 51 -3.81 -45.46 -17.18
CA PRO B 51 -2.34 -45.54 -17.14
C PRO B 51 -1.71 -45.71 -18.51
N GLN B 52 -0.42 -45.35 -18.62
CA GLN B 52 0.36 -45.43 -19.86
C GLN B 52 1.84 -45.64 -19.57
N GLU B 53 2.59 -46.23 -20.54
CA GLU B 53 4.03 -46.46 -20.39
C GLU B 53 4.75 -45.16 -20.50
N VAL B 54 5.66 -44.91 -19.56
CA VAL B 54 6.49 -43.71 -19.50
C VAL B 54 7.92 -44.19 -19.36
N SER B 55 8.80 -43.73 -20.26
CA SER B 55 10.22 -44.07 -20.24
C SER B 55 11.09 -42.87 -19.91
N TYR B 56 12.08 -43.04 -19.03
CA TYR B 56 13.03 -41.99 -18.64
C TYR B 56 14.47 -42.49 -18.44
N THR B 57 15.46 -41.59 -18.60
CA THR B 57 16.90 -41.83 -18.47
C THR B 57 17.60 -40.70 -17.76
N ASP B 58 18.94 -40.78 -17.65
CA ASP B 58 19.84 -39.80 -17.04
C ASP B 58 19.43 -39.42 -15.60
N THR B 59 19.01 -40.46 -14.84
CA THR B 59 18.55 -40.34 -13.47
C THR B 59 19.71 -39.98 -12.53
N LYS B 60 19.51 -38.91 -11.74
CA LYS B 60 20.48 -38.42 -10.75
C LYS B 60 19.79 -37.79 -9.55
N VAL B 61 20.34 -38.02 -8.34
CA VAL B 61 19.80 -37.49 -7.09
C VAL B 61 20.05 -35.98 -7.03
N ILE B 62 19.01 -35.20 -6.81
CA ILE B 62 19.12 -33.74 -6.71
C ILE B 62 18.66 -33.24 -5.32
N GLY B 63 18.10 -34.15 -4.52
CA GLY B 63 17.63 -33.84 -3.18
C GLY B 63 17.34 -35.07 -2.33
N ASN B 64 17.65 -34.98 -1.04
CA ASN B 64 17.46 -36.03 -0.06
C ASN B 64 17.07 -35.44 1.29
N GLY B 65 16.23 -36.17 2.03
CA GLY B 65 15.78 -35.79 3.35
C GLY B 65 14.93 -36.86 3.99
N SER B 66 14.31 -36.53 5.14
CA SER B 66 13.44 -37.43 5.90
C SER B 66 12.22 -37.88 5.10
N PHE B 67 11.68 -36.98 4.23
CA PHE B 67 10.53 -37.19 3.36
C PHE B 67 10.76 -38.32 2.34
N GLY B 68 11.97 -38.38 1.80
CA GLY B 68 12.39 -39.31 0.76
C GLY B 68 13.48 -38.74 -0.13
N VAL B 69 13.42 -39.08 -1.43
CA VAL B 69 14.44 -38.68 -2.40
C VAL B 69 13.84 -37.97 -3.59
N VAL B 70 14.57 -36.98 -4.15
CA VAL B 70 14.19 -36.28 -5.37
C VAL B 70 15.27 -36.52 -6.43
N TYR B 71 14.86 -36.98 -7.60
CA TYR B 71 15.75 -37.27 -8.71
C TYR B 71 15.47 -36.33 -9.87
N GLN B 72 16.45 -36.14 -10.74
CA GLN B 72 16.28 -35.43 -11.99
C GLN B 72 16.35 -36.56 -13.02
N ALA B 73 15.51 -36.51 -14.03
CA ALA B 73 15.52 -37.49 -15.11
C ALA B 73 15.10 -36.82 -16.41
N LYS B 74 15.33 -37.50 -17.53
CA LYS B 74 14.96 -37.01 -18.85
C LYS B 74 13.97 -37.99 -19.45
N LEU B 75 12.81 -37.49 -19.89
CA LEU B 75 11.78 -38.31 -20.52
C LEU B 75 12.27 -38.73 -21.91
N CYS B 76 12.17 -40.01 -22.24
CA CYS B 76 12.64 -40.54 -23.53
C CYS B 76 11.84 -40.04 -24.75
N ASP B 77 10.52 -39.85 -24.58
CA ASP B 77 9.61 -39.42 -25.64
C ASP B 77 9.90 -37.98 -26.14
N SER B 78 9.92 -37.01 -25.23
CA SER B 78 10.09 -35.60 -25.55
C SER B 78 11.50 -34.99 -25.29
N GLY B 79 12.35 -35.69 -24.53
CA GLY B 79 13.68 -35.21 -24.15
C GLY B 79 13.60 -34.17 -23.05
N GLU B 80 12.37 -33.94 -22.52
CA GLU B 80 12.07 -32.97 -21.46
C GLU B 80 12.57 -33.45 -20.12
N LEU B 81 13.10 -32.50 -19.34
CA LEU B 81 13.61 -32.81 -18.01
C LEU B 81 12.46 -32.83 -17.02
N VAL B 82 12.56 -33.74 -16.05
CA VAL B 82 11.57 -33.91 -14.99
C VAL B 82 12.26 -34.09 -13.65
N ALA B 83 11.52 -33.84 -12.57
CA ALA B 83 11.97 -34.11 -11.22
C ALA B 83 11.09 -35.30 -10.73
N ILE B 84 11.69 -36.33 -10.13
CA ILE B 84 10.95 -37.46 -9.62
C ILE B 84 11.08 -37.49 -8.10
N LYS B 85 9.98 -37.23 -7.40
CA LYS B 85 9.97 -37.28 -5.94
C LYS B 85 9.48 -38.69 -5.55
N LYS B 86 10.30 -39.43 -4.80
CA LYS B 86 10.03 -40.79 -4.34
C LYS B 86 9.81 -40.79 -2.81
N VAL B 87 8.58 -41.14 -2.38
CA VAL B 87 8.20 -41.18 -0.97
C VAL B 87 7.63 -42.53 -0.55
N LEU B 88 7.94 -42.96 0.69
CA LEU B 88 7.39 -44.17 1.28
C LEU B 88 5.91 -43.90 1.58
N GLN B 89 5.05 -44.81 1.14
CA GLN B 89 3.60 -44.70 1.31
C GLN B 89 2.98 -45.97 1.91
N ASP B 90 2.02 -45.75 2.86
CA ASP B 90 1.23 -46.81 3.49
C ASP B 90 0.04 -47.09 2.58
N LYS B 91 -0.10 -48.36 2.17
CA LYS B 91 -1.11 -48.85 1.26
C LYS B 91 -2.53 -48.47 1.71
N ARG B 92 -2.84 -48.73 2.99
CA ARG B 92 -4.16 -48.48 3.59
C ARG B 92 -4.51 -46.99 3.72
N PHE B 93 -3.58 -46.06 3.40
CA PHE B 93 -3.83 -44.62 3.54
C PHE B 93 -3.52 -43.79 2.29
N LYS B 94 -4.32 -42.73 2.10
CA LYS B 94 -4.22 -41.83 0.97
C LYS B 94 -3.04 -40.90 1.23
N ASN B 95 -2.21 -40.71 0.19
CA ASN B 95 -1.06 -39.81 0.24
C ASN B 95 -1.57 -38.40 0.06
N ARG B 96 -1.30 -37.57 1.08
CA ARG B 96 -1.71 -36.20 1.20
C ARG B 96 -1.15 -35.38 0.07
N GLU B 97 0.17 -35.56 -0.22
CA GLU B 97 0.87 -34.81 -1.25
C GLU B 97 0.27 -35.07 -2.64
N LEU B 98 -0.03 -36.35 -2.96
CA LEU B 98 -0.64 -36.72 -4.25
C LEU B 98 -2.04 -36.15 -4.45
N GLN B 99 -2.88 -36.29 -3.40
CA GLN B 99 -4.25 -35.79 -3.40
C GLN B 99 -4.25 -34.29 -3.76
N ILE B 100 -3.37 -33.53 -3.08
CA ILE B 100 -3.22 -32.10 -3.27
C ILE B 100 -2.76 -31.85 -4.70
N MET B 101 -1.65 -32.47 -5.13
CA MET B 101 -1.07 -32.24 -6.45
C MET B 101 -1.97 -32.58 -7.65
N ARG B 102 -2.88 -33.58 -7.53
CA ARG B 102 -3.79 -33.90 -8.64
C ARG B 102 -4.82 -32.78 -8.85
N LYS B 103 -5.14 -31.97 -7.79
CA LYS B 103 -6.13 -30.88 -7.80
C LYS B 103 -5.62 -29.59 -8.42
N LEU B 104 -4.31 -29.37 -8.39
CA LEU B 104 -3.73 -28.10 -8.79
C LEU B 104 -3.30 -27.99 -10.26
N ASP B 105 -3.75 -26.90 -10.90
CA ASP B 105 -3.44 -26.54 -12.27
C ASP B 105 -3.27 -25.02 -12.33
N HIS B 106 -2.03 -24.56 -12.12
CA HIS B 106 -1.73 -23.15 -12.05
C HIS B 106 -0.33 -22.90 -12.55
N CYS B 107 -0.17 -21.81 -13.31
CA CYS B 107 1.09 -21.42 -13.92
C CYS B 107 2.21 -21.09 -12.93
N ASN B 108 1.88 -20.86 -11.64
CA ASN B 108 2.87 -20.58 -10.61
C ASN B 108 3.07 -21.75 -9.63
N ILE B 109 2.68 -22.98 -10.06
CA ILE B 109 2.82 -24.23 -9.27
C ILE B 109 3.35 -25.33 -10.18
N VAL B 110 4.42 -26.04 -9.72
CA VAL B 110 5.07 -27.15 -10.44
C VAL B 110 4.00 -28.17 -10.78
N ARG B 111 3.87 -28.47 -12.08
CA ARG B 111 2.86 -29.41 -12.57
C ARG B 111 3.21 -30.89 -12.28
N LEU B 112 2.23 -31.68 -11.85
CA LEU B 112 2.40 -33.12 -11.69
C LEU B 112 2.07 -33.74 -13.06
N ARG B 113 3.09 -34.24 -13.75
CA ARG B 113 2.93 -34.84 -15.08
C ARG B 113 2.33 -36.25 -14.97
N TYR B 114 2.95 -37.09 -14.12
CA TYR B 114 2.54 -38.47 -13.91
C TYR B 114 2.83 -38.88 -12.49
N PHE B 115 2.26 -40.00 -12.07
CA PHE B 115 2.56 -40.60 -10.78
C PHE B 115 2.56 -42.10 -10.97
N PHE B 116 3.46 -42.79 -10.29
CA PHE B 116 3.54 -44.25 -10.35
C PHE B 116 3.98 -44.84 -9.03
N TYR B 117 3.51 -46.04 -8.75
CA TYR B 117 3.87 -46.73 -7.52
C TYR B 117 4.95 -47.74 -7.83
N SER B 118 5.84 -47.97 -6.87
CA SER B 118 6.91 -48.95 -6.98
C SER B 118 6.96 -49.77 -5.66
N SER B 119 7.41 -51.01 -5.74
CA SER B 119 7.44 -52.00 -4.65
C SER B 119 8.27 -51.62 -3.43
N GLY B 120 7.62 -51.66 -2.25
CA GLY B 120 8.25 -51.30 -0.99
C GLY B 120 8.64 -52.45 -0.09
N LYS B 122 8.02 -53.82 3.02
CA LYS B 122 6.95 -54.28 3.90
C LYS B 122 5.64 -54.54 3.15
N LYS B 123 4.69 -55.26 3.80
CA LYS B 123 3.37 -55.59 3.25
C LYS B 123 2.48 -54.36 2.93
N ASP B 124 2.57 -53.28 3.72
CA ASP B 124 1.79 -52.05 3.50
C ASP B 124 2.62 -50.95 2.84
N GLU B 125 3.95 -51.01 3.05
CA GLU B 125 4.95 -50.10 2.51
C GLU B 125 5.12 -50.33 0.99
N VAL B 126 4.92 -49.23 0.26
CA VAL B 126 5.06 -49.08 -1.20
C VAL B 126 5.69 -47.69 -1.39
N TYR B 127 6.24 -47.36 -2.57
CA TYR B 127 6.74 -46.01 -2.81
C TYR B 127 5.91 -45.35 -3.86
N LEU B 128 5.56 -44.10 -3.60
CA LEU B 128 4.85 -43.30 -4.58
C LEU B 128 5.91 -42.44 -5.24
N ASN B 129 5.87 -42.36 -6.56
CA ASN B 129 6.79 -41.58 -7.35
C ASN B 129 6.01 -40.50 -8.10
N LEU B 130 6.34 -39.23 -7.83
CA LEU B 130 5.69 -38.11 -8.47
C LEU B 130 6.59 -37.57 -9.55
N VAL B 131 6.13 -37.61 -10.79
CA VAL B 131 6.90 -37.09 -11.92
C VAL B 131 6.44 -35.65 -12.13
N LEU B 132 7.31 -34.70 -11.79
CA LEU B 132 7.06 -33.26 -11.83
C LEU B 132 7.87 -32.55 -12.90
N ASP B 133 7.39 -31.39 -13.37
CA ASP B 133 8.15 -30.58 -14.31
C ASP B 133 9.44 -30.13 -13.63
N TYR B 134 10.56 -30.19 -14.37
CA TYR B 134 11.84 -29.74 -13.86
C TYR B 134 11.98 -28.22 -14.14
N VAL B 135 12.46 -27.49 -13.13
CA VAL B 135 12.71 -26.06 -13.17
C VAL B 135 14.16 -25.93 -12.70
N PRO B 136 15.04 -25.26 -13.51
CA PRO B 136 16.48 -25.28 -13.18
C PRO B 136 16.96 -24.47 -11.98
N GLU B 137 16.27 -23.38 -11.60
CA GLU B 137 16.75 -22.52 -10.52
C GLU B 137 15.80 -22.38 -9.37
N THR B 138 16.29 -21.82 -8.26
CA THR B 138 15.48 -21.54 -7.07
C THR B 138 15.68 -20.09 -6.69
N VAL B 139 14.73 -19.51 -5.93
CA VAL B 139 14.86 -18.14 -5.42
C VAL B 139 16.08 -18.14 -4.47
N TYR B 140 16.26 -19.23 -3.69
CA TYR B 140 17.39 -19.41 -2.78
C TYR B 140 18.74 -19.21 -3.48
N ARG B 141 18.99 -19.93 -4.58
CA ARG B 141 20.25 -19.84 -5.30
C ARG B 141 20.47 -18.47 -5.94
N VAL B 142 19.42 -17.88 -6.53
CA VAL B 142 19.48 -16.57 -7.16
C VAL B 142 19.84 -15.52 -6.10
N ALA B 143 19.17 -15.55 -4.93
CA ALA B 143 19.42 -14.62 -3.83
C ALA B 143 20.82 -14.81 -3.28
N ARG B 144 21.29 -16.07 -3.16
CA ARG B 144 22.65 -16.39 -2.70
C ARG B 144 23.69 -15.82 -3.69
N HIS B 145 23.41 -15.92 -5.00
CA HIS B 145 24.29 -15.39 -6.05
C HIS B 145 24.54 -13.88 -5.87
N TYR B 146 23.46 -13.11 -5.64
CA TYR B 146 23.52 -11.66 -5.39
C TYR B 146 24.19 -11.35 -4.06
N SER B 147 23.85 -12.14 -3.00
CA SER B 147 24.41 -11.98 -1.65
C SER B 147 25.94 -12.20 -1.62
N ARG B 148 26.43 -13.21 -2.36
CA ARG B 148 27.88 -13.49 -2.50
C ARG B 148 28.60 -12.35 -3.21
N ALA B 149 27.92 -11.72 -4.21
CA ALA B 149 28.45 -10.61 -5.00
C ALA B 149 28.30 -9.27 -4.26
N LYS B 150 27.71 -9.28 -3.03
CA LYS B 150 27.45 -8.11 -2.18
C LYS B 150 26.60 -7.07 -2.92
N GLN B 151 25.52 -7.54 -3.56
CA GLN B 151 24.57 -6.71 -4.32
C GLN B 151 23.17 -7.13 -3.96
N THR B 152 22.24 -6.17 -3.95
CA THR B 152 20.86 -6.51 -3.67
C THR B 152 20.18 -6.92 -4.98
N LEU B 153 19.27 -7.88 -4.89
CA LEU B 153 18.49 -8.34 -6.02
C LEU B 153 17.72 -7.13 -6.63
N PRO B 154 17.77 -6.86 -7.96
CA PRO B 154 16.99 -5.73 -8.51
C PRO B 154 15.53 -5.81 -8.08
N VAL B 155 14.95 -4.66 -7.69
CA VAL B 155 13.58 -4.54 -7.17
C VAL B 155 12.53 -5.12 -8.12
N ILE B 156 12.74 -5.05 -9.44
CA ILE B 156 11.80 -5.62 -10.41
C ILE B 156 11.65 -7.13 -10.19
N TYR B 157 12.74 -7.85 -9.85
CA TYR B 157 12.69 -9.28 -9.61
C TYR B 157 12.03 -9.56 -8.27
N VAL B 158 12.22 -8.68 -7.27
CA VAL B 158 11.59 -8.84 -5.95
C VAL B 158 10.06 -8.76 -6.17
N LYS B 159 9.60 -7.74 -6.97
CA LYS B 159 8.18 -7.57 -7.30
C LYS B 159 7.65 -8.79 -8.04
N LEU B 160 8.35 -9.21 -9.10
CA LEU B 160 7.95 -10.37 -9.90
C LEU B 160 7.84 -11.65 -9.12
N TYR B 161 8.87 -12.00 -8.33
CA TYR B 161 8.90 -13.25 -7.59
C TYR B 161 7.85 -13.26 -6.54
N MET B 162 7.74 -12.17 -5.74
CA MET B 162 6.77 -12.06 -4.66
C MET B 162 5.34 -12.05 -5.16
N TYR B 163 5.06 -11.36 -6.27
CA TYR B 163 3.72 -11.34 -6.82
C TYR B 163 3.29 -12.76 -7.23
N GLN B 164 4.16 -13.52 -7.93
CA GLN B 164 3.87 -14.87 -8.38
C GLN B 164 3.71 -15.80 -7.22
N LEU B 165 4.48 -15.58 -6.13
CA LEU B 165 4.33 -16.38 -4.91
C LEU B 165 2.95 -16.12 -4.29
N PHE B 166 2.54 -14.85 -4.18
CA PHE B 166 1.21 -14.52 -3.66
C PHE B 166 0.10 -15.08 -4.51
N ARG B 167 0.30 -15.11 -5.83
CA ARG B 167 -0.65 -15.69 -6.75
C ARG B 167 -0.80 -17.18 -6.50
N SER B 168 0.34 -17.92 -6.35
CA SER B 168 0.28 -19.36 -6.09
C SER B 168 -0.38 -19.62 -4.73
N LEU B 169 -0.15 -18.75 -3.72
CA LEU B 169 -0.78 -18.88 -2.41
C LEU B 169 -2.26 -18.60 -2.47
N ALA B 170 -2.69 -17.59 -3.23
CA ALA B 170 -4.12 -17.28 -3.38
C ALA B 170 -4.82 -18.50 -3.96
N TYR B 171 -4.19 -19.15 -4.96
CA TYR B 171 -4.73 -20.33 -5.61
C TYR B 171 -4.88 -21.50 -4.68
N ILE B 172 -3.77 -21.94 -4.03
CA ILE B 172 -3.82 -23.10 -3.12
C ILE B 172 -4.75 -22.85 -1.93
N HIS B 173 -4.71 -21.64 -1.36
CA HIS B 173 -5.56 -21.31 -0.22
C HIS B 173 -7.05 -21.36 -0.57
N SER B 174 -7.43 -21.12 -1.86
CA SER B 174 -8.83 -21.16 -2.31
C SER B 174 -9.43 -22.58 -2.24
N PHE B 175 -8.56 -23.61 -2.14
CA PHE B 175 -8.95 -25.01 -1.99
C PHE B 175 -8.87 -25.43 -0.53
N GLY B 176 -8.43 -24.51 0.32
CA GLY B 176 -8.20 -24.76 1.74
C GLY B 176 -6.86 -25.41 2.00
N ILE B 177 -5.99 -25.46 0.99
CA ILE B 177 -4.66 -26.07 1.09
C ILE B 177 -3.63 -25.08 1.62
N CYS B 178 -2.94 -25.46 2.68
CA CYS B 178 -1.88 -24.65 3.29
C CYS B 178 -0.56 -25.35 2.94
N HIS B 179 0.42 -24.62 2.39
CA HIS B 179 1.70 -25.22 1.99
C HIS B 179 2.53 -25.69 3.19
N ARG B 180 2.61 -24.85 4.23
CA ARG B 180 3.33 -25.12 5.48
C ARG B 180 4.86 -25.28 5.33
N ASP B 181 5.46 -24.89 4.20
CA ASP B 181 6.93 -24.93 4.05
C ASP B 181 7.39 -23.91 3.02
N ILE B 182 6.85 -22.69 3.09
CA ILE B 182 7.25 -21.60 2.18
C ILE B 182 8.64 -21.11 2.64
N LYS B 183 9.61 -21.24 1.74
CA LYS B 183 11.00 -20.84 1.95
C LYS B 183 11.64 -20.65 0.57
N PRO B 184 12.73 -19.84 0.44
CA PRO B 184 13.33 -19.62 -0.90
C PRO B 184 13.68 -20.89 -1.65
N GLN B 185 14.09 -21.96 -0.94
CA GLN B 185 14.47 -23.25 -1.52
C GLN B 185 13.31 -23.94 -2.26
N ASN B 186 12.06 -23.68 -1.84
CA ASN B 186 10.84 -24.25 -2.43
C ASN B 186 10.21 -23.37 -3.51
N LEU B 187 10.91 -22.30 -3.94
CA LEU B 187 10.40 -21.40 -4.95
C LEU B 187 11.26 -21.54 -6.18
N LEU B 188 10.77 -22.26 -7.17
CA LEU B 188 11.54 -22.53 -8.36
C LEU B 188 11.44 -21.43 -9.40
N LEU B 189 12.52 -21.20 -10.12
CA LEU B 189 12.58 -20.14 -11.12
C LEU B 189 13.11 -20.59 -12.47
N ASP B 190 12.51 -20.06 -13.54
CA ASP B 190 13.04 -20.18 -14.89
C ASP B 190 13.83 -18.86 -15.02
N PRO B 191 15.18 -18.91 -15.05
CA PRO B 191 15.96 -17.65 -15.05
C PRO B 191 15.73 -16.72 -16.24
N ASP B 192 15.34 -17.25 -17.40
CA ASP B 192 15.09 -16.47 -18.60
C ASP B 192 13.76 -15.74 -18.59
N THR B 193 12.67 -16.45 -18.26
CA THR B 193 11.31 -15.91 -18.29
C THR B 193 10.82 -15.26 -16.99
N ALA B 194 11.59 -15.45 -15.90
CA ALA B 194 11.26 -14.95 -14.56
C ALA B 194 9.97 -15.62 -13.98
N VAL B 195 9.55 -16.76 -14.56
CA VAL B 195 8.40 -17.52 -14.07
C VAL B 195 8.81 -18.18 -12.75
N LEU B 196 7.99 -17.98 -11.71
CA LEU B 196 8.22 -18.59 -10.41
C LEU B 196 7.20 -19.70 -10.29
N LYS B 197 7.60 -20.84 -9.79
CA LYS B 197 6.72 -21.99 -9.56
C LYS B 197 6.94 -22.57 -8.14
N LEU B 198 5.87 -22.66 -7.36
CA LEU B 198 5.90 -23.17 -6.01
C LEU B 198 6.05 -24.70 -6.06
N CYS B 199 6.97 -25.26 -5.24
CA CYS B 199 7.18 -26.71 -5.20
C CYS B 199 7.20 -27.28 -3.79
N ASP B 200 7.35 -28.60 -3.68
CA ASP B 200 7.41 -29.42 -2.48
C ASP B 200 6.18 -29.29 -1.60
N PHE B 201 5.16 -30.09 -1.90
CA PHE B 201 3.90 -30.13 -1.16
C PHE B 201 3.92 -31.26 -0.09
N GLY B 202 5.13 -31.67 0.28
CA GLY B 202 5.40 -32.71 1.27
C GLY B 202 4.93 -32.39 2.68
N SER B 203 4.84 -31.08 3.01
CA SER B 203 4.38 -30.58 4.31
C SER B 203 2.95 -30.05 4.22
N ALA B 204 2.42 -29.89 2.98
CA ALA B 204 1.09 -29.33 2.75
C ALA B 204 -0.07 -30.15 3.32
N LYS B 205 -1.14 -29.44 3.65
CA LYS B 205 -2.33 -30.04 4.21
C LYS B 205 -3.57 -29.24 3.87
N GLN B 206 -4.69 -29.94 3.62
CA GLN B 206 -5.97 -29.29 3.42
C GLN B 206 -6.47 -29.03 4.83
N LEU B 207 -6.44 -27.76 5.29
CA LEU B 207 -6.84 -27.42 6.65
C LEU B 207 -8.35 -27.44 6.80
N VAL B 208 -8.80 -28.05 7.89
CA VAL B 208 -10.21 -28.14 8.20
C VAL B 208 -10.37 -27.53 9.59
N ARG B 209 -11.24 -26.50 9.70
CA ARG B 209 -11.47 -25.82 10.99
C ARG B 209 -11.98 -26.84 12.00
N GLY B 210 -11.40 -26.83 13.19
CA GLY B 210 -11.78 -27.77 14.22
C GLY B 210 -11.05 -29.08 14.24
N GLU B 211 -10.19 -29.32 13.24
CA GLU B 211 -9.35 -30.51 13.18
C GLU B 211 -7.94 -30.03 13.48
N PRO B 212 -7.31 -30.48 14.61
CA PRO B 212 -5.98 -29.93 14.98
C PRO B 212 -4.86 -30.21 13.97
N ASN B 213 -3.88 -29.32 13.94
CA ASN B 213 -2.75 -29.42 13.04
C ASN B 213 -1.48 -29.34 13.87
N VAL B 214 -0.41 -30.01 13.42
CA VAL B 214 0.88 -30.03 14.13
C VAL B 214 1.53 -28.61 14.21
N SER B 215 2.01 -28.20 15.40
CA SER B 215 2.65 -26.90 15.59
C SER B 215 4.11 -26.86 15.10
N ILE B 217 6.09 -27.27 12.49
CA ILE B 217 6.00 -27.33 11.03
C ILE B 217 6.68 -26.07 10.50
N CYS B 218 7.13 -26.05 9.22
CA CYS B 218 7.86 -24.93 8.56
C CYS B 218 9.37 -24.96 8.81
N SER B 219 10.15 -24.32 7.90
CA SER B 219 11.59 -24.21 8.09
C SER B 219 11.76 -23.12 9.15
N ARG B 220 12.43 -23.43 10.26
CA ARG B 220 12.60 -22.54 11.41
C ARG B 220 12.60 -21.03 11.11
N TYR B 221 13.48 -20.55 10.21
CA TYR B 221 13.60 -19.11 9.92
C TYR B 221 12.30 -18.47 9.40
N TYR B 222 11.42 -19.31 8.79
CA TYR B 222 10.18 -18.92 8.13
C TYR B 222 8.93 -19.32 8.91
N ARG B 223 9.13 -19.88 10.11
CA ARG B 223 8.06 -20.32 11.00
C ARG B 223 7.27 -19.18 11.67
N ALA B 224 5.92 -19.15 11.44
CA ALA B 224 5.02 -18.14 12.03
C ALA B 224 5.06 -18.18 13.57
N PRO B 225 4.94 -17.02 14.26
CA PRO B 225 5.02 -17.02 15.72
C PRO B 225 3.93 -17.84 16.42
N GLU B 226 2.72 -17.96 15.83
CA GLU B 226 1.65 -18.75 16.45
C GLU B 226 2.07 -20.23 16.55
N LEU B 227 2.90 -20.70 15.61
CA LEU B 227 3.42 -22.07 15.61
C LEU B 227 4.45 -22.26 16.75
N ILE B 228 5.29 -21.20 17.02
CA ILE B 228 6.25 -21.19 18.13
C ILE B 228 5.48 -21.22 19.46
N PHE B 229 4.34 -20.49 19.53
CA PHE B 229 3.47 -20.45 20.70
C PHE B 229 2.62 -21.74 20.86
N GLY B 230 2.85 -22.71 19.96
CA GLY B 230 2.19 -24.02 20.00
C GLY B 230 0.74 -24.08 19.56
N ALA B 231 0.32 -23.18 18.66
CA ALA B 231 -1.05 -23.22 18.15
C ALA B 231 -1.27 -24.48 17.28
N THR B 232 -2.46 -25.07 17.38
CA THR B 232 -2.87 -26.24 16.58
C THR B 232 -4.11 -25.89 15.73
N ASP B 233 -4.68 -24.69 15.98
CA ASP B 233 -5.87 -24.14 15.34
C ASP B 233 -5.50 -23.06 14.29
N TYR B 234 -4.23 -23.04 13.85
CA TYR B 234 -3.77 -22.07 12.88
C TYR B 234 -4.42 -22.21 11.50
N THR B 235 -4.26 -21.17 10.69
CA THR B 235 -4.84 -21.09 9.35
C THR B 235 -3.74 -20.97 8.28
N SER B 236 -4.15 -20.81 7.02
CA SER B 236 -3.25 -20.63 5.90
C SER B 236 -2.43 -19.33 5.99
N SER B 237 -2.78 -18.41 6.95
CA SER B 237 -2.03 -17.17 7.18
C SER B 237 -0.59 -17.47 7.66
N ILE B 238 -0.28 -18.73 8.03
CA ILE B 238 1.09 -19.08 8.40
C ILE B 238 1.98 -18.98 7.15
N ASP B 239 1.40 -19.25 5.94
CA ASP B 239 2.13 -19.17 4.67
C ASP B 239 2.44 -17.73 4.33
N VAL B 240 1.55 -16.81 4.72
CA VAL B 240 1.70 -15.36 4.49
C VAL B 240 2.82 -14.82 5.38
N TRP B 241 2.94 -15.33 6.63
CA TRP B 241 4.05 -14.95 7.48
C TRP B 241 5.37 -15.39 6.76
N SER B 242 5.43 -16.65 6.29
CA SER B 242 6.61 -17.19 5.62
C SER B 242 6.93 -16.40 4.35
N ALA B 243 5.90 -15.96 3.60
CA ALA B 243 6.07 -15.16 2.37
C ALA B 243 6.68 -13.79 2.75
N GLY B 244 6.25 -13.23 3.89
CA GLY B 244 6.82 -11.99 4.41
C GLY B 244 8.28 -12.14 4.74
N CYS B 245 8.68 -13.32 5.29
CA CYS B 245 10.08 -13.63 5.60
C CYS B 245 10.94 -13.73 4.33
N VAL B 246 10.35 -14.30 3.24
CA VAL B 246 11.04 -14.42 1.94
C VAL B 246 11.28 -13.00 1.40
N LEU B 247 10.21 -12.17 1.42
CA LEU B 247 10.32 -10.81 0.94
C LEU B 247 11.44 -10.08 1.69
N ALA B 248 11.41 -10.10 3.04
CA ALA B 248 12.38 -9.41 3.87
C ALA B 248 13.80 -9.90 3.56
N GLU B 249 13.96 -11.20 3.31
CA GLU B 249 15.24 -11.82 2.97
C GLU B 249 15.78 -11.29 1.65
N LEU B 250 14.90 -11.12 0.64
CA LEU B 250 15.28 -10.57 -0.67
C LEU B 250 15.72 -9.12 -0.54
N LEU B 251 15.16 -8.39 0.44
CA LEU B 251 15.49 -7.01 0.66
C LEU B 251 16.78 -6.86 1.47
N LEU B 252 17.01 -7.77 2.42
CA LEU B 252 18.16 -7.74 3.33
C LEU B 252 19.42 -8.41 2.83
N GLY B 253 19.25 -9.43 2.00
CA GLY B 253 20.38 -10.21 1.52
C GLY B 253 20.76 -11.33 2.46
N GLN B 254 19.91 -11.59 3.46
CA GLN B 254 20.06 -12.62 4.51
C GLN B 254 18.71 -12.83 5.20
N PRO B 255 18.45 -13.99 5.85
CA PRO B 255 17.17 -14.18 6.56
C PRO B 255 16.94 -13.12 7.62
N ILE B 256 15.69 -12.64 7.73
CA ILE B 256 15.33 -11.62 8.71
C ILE B 256 15.38 -12.19 10.14
N PHE B 257 14.91 -13.45 10.34
CA PHE B 257 14.84 -14.07 11.65
C PHE B 257 15.67 -15.36 11.72
N PRO B 258 17.01 -15.26 11.86
CA PRO B 258 17.83 -16.48 11.85
C PRO B 258 17.99 -17.17 13.21
N GLY B 259 16.90 -17.74 13.72
CA GLY B 259 16.95 -18.41 15.02
C GLY B 259 17.80 -19.66 15.04
N ASP B 260 18.56 -19.85 16.14
CA ASP B 260 19.45 -21.01 16.36
C ASP B 260 18.70 -22.20 16.96
N SER B 261 17.44 -21.99 17.39
CA SER B 261 16.52 -22.96 18.00
C SER B 261 15.10 -22.38 17.94
N GLY B 262 14.11 -23.15 18.38
CA GLY B 262 12.71 -22.71 18.44
C GLY B 262 12.53 -21.50 19.34
N VAL B 263 13.20 -21.50 20.50
CA VAL B 263 13.15 -20.38 21.45
C VAL B 263 13.89 -19.18 20.85
N ASP B 264 15.08 -19.43 20.26
CA ASP B 264 15.86 -18.36 19.65
C ASP B 264 15.15 -17.75 18.44
N GLN B 265 14.24 -18.51 17.81
CA GLN B 265 13.44 -18.00 16.72
C GLN B 265 12.53 -16.86 17.21
N LEU B 266 11.92 -17.03 18.40
CA LEU B 266 11.08 -16.00 19.00
C LEU B 266 11.93 -14.81 19.43
N VAL B 267 13.16 -15.08 19.96
CA VAL B 267 14.10 -14.01 20.35
C VAL B 267 14.33 -13.11 19.12
N GLU B 268 14.61 -13.72 17.95
CA GLU B 268 14.85 -13.00 16.70
C GLU B 268 13.63 -12.16 16.28
N ILE B 269 12.41 -12.72 16.46
CA ILE B 269 11.18 -12.02 16.13
C ILE B 269 11.00 -10.82 17.07
N ILE B 270 11.22 -11.02 18.37
CA ILE B 270 11.09 -9.94 19.37
C ILE B 270 12.05 -8.78 19.07
N LYS B 271 13.28 -9.07 18.62
CA LYS B 271 14.25 -8.02 18.29
C LYS B 271 13.68 -7.04 17.24
N VAL B 272 12.71 -7.47 16.42
CA VAL B 272 12.08 -6.62 15.40
C VAL B 272 10.66 -6.15 15.82
N LEU B 273 9.76 -7.10 16.10
CA LEU B 273 8.35 -6.82 16.43
C LEU B 273 8.13 -6.38 17.88
N GLY B 274 9.14 -6.57 18.73
CA GLY B 274 9.00 -6.34 20.16
C GLY B 274 8.17 -7.47 20.73
N THR B 275 7.76 -7.37 21.99
CA THR B 275 6.93 -8.42 22.60
C THR B 275 5.48 -8.33 22.12
N PRO B 276 4.73 -9.45 22.01
CA PRO B 276 3.32 -9.33 21.63
C PRO B 276 2.51 -8.76 22.81
N THR B 277 1.33 -8.17 22.51
CA THR B 277 0.43 -7.68 23.55
C THR B 277 -0.39 -8.89 24.04
N ARG B 278 -1.13 -8.73 25.16
CA ARG B 278 -1.99 -9.81 25.66
C ARG B 278 -3.01 -10.22 24.58
N GLU B 279 -3.51 -9.23 23.80
CA GLU B 279 -4.45 -9.47 22.72
C GLU B 279 -3.82 -10.28 21.55
N GLN B 280 -2.57 -9.93 21.17
CA GLN B 280 -1.87 -10.64 20.10
C GLN B 280 -1.60 -12.10 20.51
N ILE B 281 -1.28 -12.33 21.81
CA ILE B 281 -1.04 -13.68 22.31
C ILE B 281 -2.31 -14.53 22.13
N ARG B 282 -3.48 -13.99 22.53
CA ARG B 282 -4.79 -14.64 22.45
C ARG B 282 -5.11 -14.98 21.00
N GLU B 283 -4.77 -14.07 20.09
CA GLU B 283 -5.00 -14.25 18.66
C GLU B 283 -4.10 -15.31 18.05
N MET B 284 -2.87 -15.47 18.59
CA MET B 284 -1.92 -16.48 18.10
C MET B 284 -2.29 -17.87 18.63
N ASN B 285 -2.47 -17.99 19.96
CA ASN B 285 -2.84 -19.24 20.60
C ASN B 285 -3.73 -18.94 21.82
N PRO B 286 -5.06 -19.11 21.67
CA PRO B 286 -5.98 -18.85 22.78
C PRO B 286 -5.77 -19.75 24.01
N ASN B 287 -5.02 -20.87 23.83
CA ASN B 287 -4.72 -21.83 24.90
C ASN B 287 -3.42 -21.49 25.63
N TYR B 288 -2.70 -20.47 25.16
CA TYR B 288 -1.47 -20.01 25.81
C TYR B 288 -1.76 -18.77 26.66
N THR B 289 -1.30 -18.78 27.91
CA THR B 289 -1.42 -17.66 28.84
C THR B 289 -0.09 -17.37 29.50
N GLU B 290 0.28 -16.08 29.56
CA GLU B 290 1.50 -15.62 30.22
C GLU B 290 1.18 -14.38 31.02
N PHE B 291 0.99 -14.66 32.30
CA PHE B 291 0.67 -13.80 33.44
C PHE B 291 1.45 -12.48 33.34
N LYS B 292 2.76 -12.57 33.55
CA LYS B 292 3.68 -11.45 33.54
C LYS B 292 4.88 -11.75 32.66
N PHE B 293 5.32 -10.73 31.94
CA PHE B 293 6.50 -10.78 31.10
C PHE B 293 7.04 -9.37 30.88
N PRO B 294 8.38 -9.19 30.69
CA PRO B 294 8.89 -7.84 30.45
C PRO B 294 8.53 -7.40 29.03
N GLN B 295 8.02 -6.16 28.89
CA GLN B 295 7.62 -5.64 27.60
C GLN B 295 8.81 -5.08 26.84
N ILE B 296 8.93 -5.42 25.55
CA ILE B 296 9.97 -4.93 24.63
C ILE B 296 9.30 -4.21 23.47
N LYS B 297 9.71 -2.94 23.22
CA LYS B 297 9.15 -2.15 22.13
C LYS B 297 9.66 -2.66 20.78
N ALA B 298 8.86 -2.44 19.72
CA ALA B 298 9.21 -2.86 18.37
C ALA B 298 10.35 -2.01 17.86
N HIS B 299 11.19 -2.56 17.01
CA HIS B 299 12.27 -1.84 16.37
C HIS B 299 11.64 -1.21 15.09
N PRO B 300 11.91 0.09 14.77
CA PRO B 300 11.30 0.68 13.56
C PRO B 300 11.62 -0.07 12.27
N TRP B 301 10.58 -0.34 11.46
CA TRP B 301 10.73 -1.07 10.20
C TRP B 301 11.72 -0.42 9.25
N THR B 302 11.78 0.93 9.24
CA THR B 302 12.67 1.66 8.35
C THR B 302 14.13 1.52 8.74
N LYS B 303 14.40 1.02 9.97
CA LYS B 303 15.76 0.78 10.47
C LYS B 303 16.13 -0.70 10.32
N VAL B 304 15.13 -1.57 10.11
CA VAL B 304 15.35 -3.01 9.89
C VAL B 304 16.03 -3.17 8.52
N PHE B 305 15.55 -2.42 7.53
CA PHE B 305 16.04 -2.47 6.16
C PHE B 305 17.04 -1.37 5.85
N ARG B 306 17.74 -1.50 4.72
CA ARG B 306 18.75 -0.51 4.33
C ARG B 306 18.09 0.81 3.89
N PRO B 307 18.78 1.96 4.01
CA PRO B 307 18.16 3.22 3.57
C PRO B 307 17.59 3.23 2.16
N ARG B 308 18.26 2.58 1.18
CA ARG B 308 17.76 2.54 -0.19
C ARG B 308 16.61 1.55 -0.43
N THR B 309 16.10 0.83 0.61
CA THR B 309 14.99 -0.11 0.43
C THR B 309 13.72 0.68 0.00
N PRO B 310 13.01 0.26 -1.09
CA PRO B 310 11.80 0.99 -1.52
C PRO B 310 10.79 1.03 -0.38
N PRO B 311 10.23 2.23 -0.04
CA PRO B 311 9.29 2.30 1.09
C PRO B 311 8.07 1.41 0.94
N GLU B 312 7.60 1.18 -0.31
CA GLU B 312 6.47 0.30 -0.54
C GLU B 312 6.79 -1.13 -0.17
N ALA B 313 8.06 -1.58 -0.35
CA ALA B 313 8.48 -2.95 0.02
C ALA B 313 8.44 -3.10 1.54
N ILE B 314 8.92 -2.06 2.28
CA ILE B 314 8.89 -2.05 3.75
C ILE B 314 7.44 -2.05 4.23
N ALA B 315 6.57 -1.20 3.64
CA ALA B 315 5.15 -1.12 3.99
C ALA B 315 4.50 -2.47 3.79
N LEU B 316 4.75 -3.15 2.66
CA LEU B 316 4.16 -4.45 2.40
C LEU B 316 4.59 -5.41 3.46
N CYS B 317 5.90 -5.47 3.70
CA CYS B 317 6.49 -6.36 4.69
C CYS B 317 5.87 -6.19 6.09
N SER B 318 5.61 -4.94 6.50
CA SER B 318 5.00 -4.61 7.79
C SER B 318 3.56 -5.16 7.92
N ARG B 319 2.89 -5.45 6.78
CA ARG B 319 1.53 -5.98 6.74
C ARG B 319 1.49 -7.49 6.60
N LEU B 320 2.66 -8.12 6.50
CA LEU B 320 2.80 -9.57 6.40
C LEU B 320 3.38 -10.12 7.70
N LEU B 321 4.39 -9.45 8.25
CA LEU B 321 5.06 -9.87 9.46
C LEU B 321 4.39 -9.24 10.67
N GLU B 322 3.18 -9.72 10.98
CA GLU B 322 2.34 -9.27 12.07
C GLU B 322 2.12 -10.41 13.01
N TYR B 323 2.12 -10.15 14.33
CA TYR B 323 1.83 -11.20 15.31
C TYR B 323 0.41 -11.74 15.10
N THR B 324 -0.60 -10.84 15.01
CA THR B 324 -2.01 -11.23 14.84
C THR B 324 -2.21 -11.90 13.48
N PRO B 325 -2.51 -13.22 13.44
CA PRO B 325 -2.63 -13.92 12.17
C PRO B 325 -3.68 -13.35 11.23
N THR B 326 -4.83 -12.91 11.79
CA THR B 326 -5.93 -12.31 11.01
C THR B 326 -5.61 -10.89 10.52
N ALA B 327 -4.58 -10.22 11.08
CA ALA B 327 -4.20 -8.88 10.67
C ALA B 327 -3.31 -8.91 9.41
N ARG B 328 -2.72 -10.08 9.08
CA ARG B 328 -1.86 -10.24 7.90
C ARG B 328 -2.72 -10.13 6.65
N LEU B 329 -2.14 -9.57 5.59
CA LEU B 329 -2.86 -9.49 4.33
C LEU B 329 -3.13 -10.89 3.80
N THR B 330 -4.27 -11.07 3.12
CA THR B 330 -4.53 -12.34 2.44
C THR B 330 -3.61 -12.28 1.18
N PRO B 331 -3.26 -13.43 0.55
CA PRO B 331 -2.42 -13.39 -0.68
C PRO B 331 -2.97 -12.49 -1.79
N LEU B 332 -4.31 -12.52 -2.02
CA LEU B 332 -4.92 -11.68 -3.04
C LEU B 332 -4.80 -10.21 -2.70
N GLU B 333 -4.96 -9.85 -1.40
CA GLU B 333 -4.79 -8.48 -0.95
C GLU B 333 -3.34 -8.05 -1.17
N ALA B 334 -2.36 -8.97 -0.93
CA ALA B 334 -0.95 -8.67 -1.14
C ALA B 334 -0.68 -8.40 -2.62
N CYS B 335 -1.26 -9.21 -3.55
CA CYS B 335 -1.13 -8.99 -4.99
C CYS B 335 -1.57 -7.59 -5.40
N ALA B 336 -2.67 -7.08 -4.77
CA ALA B 336 -3.24 -5.77 -5.02
C ALA B 336 -2.50 -4.62 -4.33
N HIS B 337 -1.44 -4.92 -3.55
CA HIS B 337 -0.66 -3.91 -2.84
C HIS B 337 0.04 -2.99 -3.81
N SER B 338 0.20 -1.70 -3.43
CA SER B 338 0.85 -0.72 -4.28
C SER B 338 2.31 -1.09 -4.64
N PHE B 339 2.98 -1.97 -3.86
CA PHE B 339 4.33 -2.43 -4.19
C PHE B 339 4.40 -3.08 -5.57
N PHE B 340 3.31 -3.75 -5.99
CA PHE B 340 3.26 -4.41 -7.28
C PHE B 340 2.72 -3.53 -8.43
N ASP B 341 2.53 -2.20 -8.22
CA ASP B 341 1.98 -1.31 -9.21
C ASP B 341 2.79 -1.26 -10.51
N GLU B 342 4.13 -1.38 -10.43
CA GLU B 342 5.00 -1.38 -11.62
C GLU B 342 4.68 -2.58 -12.53
N LEU B 343 4.29 -3.73 -11.96
CA LEU B 343 3.93 -4.91 -12.73
C LEU B 343 2.65 -4.69 -13.54
N ARG B 344 1.77 -3.78 -13.08
CA ARG B 344 0.51 -3.43 -13.75
C ARG B 344 0.67 -2.32 -14.78
N ASP B 345 1.90 -1.81 -14.96
CA ASP B 345 2.22 -0.80 -15.96
C ASP B 345 2.24 -1.50 -17.34
N PRO B 346 1.54 -0.96 -18.38
CA PRO B 346 1.57 -1.64 -19.69
C PRO B 346 2.96 -1.72 -20.33
N ASN B 347 3.87 -0.77 -19.97
CA ASN B 347 5.21 -0.64 -20.53
C ASN B 347 6.29 -1.44 -19.80
N VAL B 348 5.93 -2.24 -18.80
CA VAL B 348 6.90 -3.00 -18.03
C VAL B 348 7.59 -4.12 -18.87
N LYS B 349 8.93 -4.20 -18.69
CA LYS B 349 9.79 -5.21 -19.32
C LYS B 349 10.79 -5.70 -18.30
N LEU B 350 11.29 -6.93 -18.49
CA LEU B 350 12.32 -7.51 -17.64
C LEU B 350 13.66 -6.81 -17.98
N PRO B 351 14.66 -6.76 -17.05
CA PRO B 351 15.97 -6.14 -17.40
C PRO B 351 16.67 -6.82 -18.58
N ASN B 352 16.35 -8.11 -18.85
CA ASN B 352 16.92 -8.85 -19.98
C ASN B 352 16.22 -8.52 -21.34
N GLY B 353 15.20 -7.66 -21.29
CA GLY B 353 14.46 -7.20 -22.45
C GLY B 353 13.17 -7.93 -22.75
N ARG B 354 13.01 -9.13 -22.16
CA ARG B 354 11.82 -9.96 -22.34
C ARG B 354 10.58 -9.36 -21.67
N ASP B 355 9.40 -9.80 -22.15
CA ASP B 355 8.11 -9.40 -21.58
C ASP B 355 8.02 -10.08 -20.24
N THR B 356 7.24 -9.50 -19.32
CA THR B 356 7.00 -10.14 -18.03
C THR B 356 6.15 -11.39 -18.28
N PRO B 357 6.23 -12.45 -17.44
CA PRO B 357 5.34 -13.61 -17.64
C PRO B 357 3.86 -13.21 -17.43
N ALA B 358 2.89 -14.12 -17.70
CA ALA B 358 1.46 -13.84 -17.53
C ALA B 358 1.19 -13.50 -16.08
N LEU B 359 0.55 -12.34 -15.84
CA LEU B 359 0.31 -11.87 -14.46
C LEU B 359 -1.15 -11.62 -14.13
N PHE B 360 -2.01 -11.44 -15.16
CA PHE B 360 -3.40 -11.04 -14.94
C PHE B 360 -4.47 -12.05 -15.39
N ASN B 361 -4.07 -13.24 -15.85
CA ASN B 361 -4.98 -14.31 -16.28
C ASN B 361 -5.61 -15.01 -15.05
N PHE B 362 -6.26 -14.22 -14.16
CA PHE B 362 -6.88 -14.74 -12.95
C PHE B 362 -8.14 -15.56 -13.29
N THR B 363 -8.29 -16.75 -12.69
CA THR B 363 -9.47 -17.61 -12.84
C THR B 363 -10.47 -17.17 -11.76
N THR B 364 -11.76 -17.54 -11.90
CA THR B 364 -12.78 -17.24 -10.88
C THR B 364 -12.41 -17.94 -9.55
N GLN B 365 -11.73 -19.13 -9.62
CA GLN B 365 -11.23 -19.87 -8.46
C GLN B 365 -10.23 -18.97 -7.70
N GLU B 366 -9.28 -18.36 -8.44
CA GLU B 366 -8.23 -17.50 -7.88
C GLU B 366 -8.79 -16.32 -7.13
N LEU B 367 -9.84 -15.71 -7.69
CA LEU B 367 -10.48 -14.51 -7.15
C LEU B 367 -11.60 -14.76 -6.16
N SER B 368 -11.92 -16.05 -5.88
CA SER B 368 -13.03 -16.49 -5.02
C SER B 368 -13.09 -15.83 -3.64
N SER B 369 -11.94 -15.72 -2.94
CA SER B 369 -11.82 -15.13 -1.60
C SER B 369 -12.25 -13.66 -1.56
N ASN B 370 -12.11 -12.91 -2.68
CA ASN B 370 -12.40 -11.48 -2.73
C ASN B 370 -12.56 -10.98 -4.19
N PRO B 371 -13.70 -11.21 -4.87
CA PRO B 371 -13.88 -10.67 -6.23
C PRO B 371 -13.72 -9.12 -6.41
N PRO B 372 -14.09 -8.16 -5.49
CA PRO B 372 -13.80 -6.73 -5.74
C PRO B 372 -12.34 -6.40 -6.07
N LEU B 373 -11.37 -7.28 -5.71
CA LEU B 373 -9.96 -7.00 -5.96
C LEU B 373 -9.58 -7.04 -7.45
N ALA B 374 -10.44 -7.64 -8.31
CA ALA B 374 -10.24 -7.69 -9.76
C ALA B 374 -10.03 -6.28 -10.37
N THR B 375 -10.63 -5.22 -9.77
CA THR B 375 -10.52 -3.81 -10.17
C THR B 375 -9.07 -3.39 -10.17
N ILE B 376 -8.32 -3.79 -9.13
CA ILE B 376 -6.91 -3.49 -9.04
C ILE B 376 -6.15 -4.55 -9.80
N LEU B 377 -6.43 -5.84 -9.53
CA LEU B 377 -5.67 -6.95 -10.06
C LEU B 377 -5.61 -7.03 -11.58
N ILE B 378 -6.71 -6.75 -12.30
CA ILE B 378 -6.70 -6.82 -13.77
C ILE B 378 -6.70 -5.38 -14.32
N PRO B 379 -5.52 -4.86 -14.74
CA PRO B 379 -5.46 -3.49 -15.23
C PRO B 379 -6.18 -3.30 -16.57
N PRO B 380 -6.61 -2.06 -16.92
CA PRO B 380 -7.34 -1.86 -18.20
C PRO B 380 -6.72 -2.53 -19.43
N HIS B 381 -5.39 -2.39 -19.61
CA HIS B 381 -4.65 -2.94 -20.75
C HIS B 381 -4.66 -4.46 -20.85
N ALA B 382 -4.97 -5.15 -19.73
CA ALA B 382 -5.01 -6.60 -19.63
C ALA B 382 -6.37 -7.20 -19.97
N ARG B 383 -7.46 -6.40 -19.90
CA ARG B 383 -8.83 -6.84 -20.16
C ARG B 383 -9.03 -7.26 -21.63
N ILE B 384 -9.52 -8.51 -21.83
CA ILE B 384 -9.73 -9.15 -23.13
C ILE B 384 -11.22 -9.31 -23.44
N PRO C 199 13.59 38.31 -7.16
CA PRO C 199 12.45 37.85 -6.35
C PRO C 199 11.56 36.85 -7.12
N HIS C 200 10.38 37.34 -7.56
CA HIS C 200 9.39 36.67 -8.40
C HIS C 200 9.89 36.85 -9.83
N ARG C 201 10.55 38.00 -10.07
CA ARG C 201 11.19 38.40 -11.32
C ARG C 201 12.34 37.44 -11.63
N LEU C 202 13.07 36.99 -10.58
CA LEU C 202 14.19 36.06 -10.69
C LEU C 202 13.72 34.71 -11.18
N LEU C 203 12.67 34.14 -10.55
CA LEU C 203 12.15 32.84 -10.97
C LEU C 203 11.71 32.88 -12.43
N GLN C 204 10.91 33.91 -12.82
CA GLN C 204 10.43 34.09 -14.20
C GLN C 204 11.60 34.13 -15.18
N GLN C 205 12.68 34.83 -14.80
CA GLN C 205 13.87 34.92 -15.62
C GLN C 205 14.57 33.57 -15.79
N LEU C 206 14.69 32.80 -14.69
CA LEU C 206 15.32 31.48 -14.69
C LEU C 206 14.54 30.53 -15.57
N VAL C 207 13.20 30.63 -15.52
CA VAL C 207 12.29 29.82 -16.33
C VAL C 207 12.47 30.19 -17.82
N LEU C 208 12.48 31.49 -18.14
CA LEU C 208 12.64 31.92 -19.53
C LEU C 208 14.01 31.59 -20.11
N SER C 209 15.06 31.67 -19.28
CA SER C 209 16.42 31.41 -19.72
C SER C 209 16.82 29.95 -19.72
N GLY C 210 15.97 29.10 -19.13
CA GLY C 210 16.23 27.66 -18.98
C GLY C 210 17.40 27.38 -18.06
N ASN C 211 17.53 28.15 -16.96
CA ASN C 211 18.62 28.00 -15.99
C ASN C 211 18.13 27.72 -14.59
N LEU C 212 16.86 27.38 -14.45
CA LEU C 212 16.26 27.12 -13.15
C LEU C 212 16.94 25.98 -12.35
N ILE C 213 17.10 24.79 -12.96
CA ILE C 213 17.68 23.63 -12.26
C ILE C 213 19.15 23.88 -11.90
N LYS C 214 19.95 24.41 -12.85
CA LYS C 214 21.35 24.76 -12.64
C LYS C 214 21.50 25.68 -11.43
N GLU C 215 20.69 26.75 -11.35
CA GLU C 215 20.74 27.75 -10.27
C GLU C 215 20.27 27.16 -8.95
N ALA C 216 19.17 26.37 -8.95
CA ALA C 216 18.70 25.71 -7.73
C ALA C 216 19.82 24.78 -7.19
N VAL C 217 20.52 24.03 -8.08
CA VAL C 217 21.61 23.12 -7.70
C VAL C 217 22.77 23.92 -7.10
N ARG C 218 23.09 25.09 -7.69
CA ARG C 218 24.13 26.00 -7.19
C ARG C 218 23.79 26.48 -5.77
N ARG C 219 22.52 26.88 -5.52
CA ARG C 219 22.04 27.36 -4.22
C ARG C 219 22.07 26.29 -3.13
N LEU C 220 21.93 25.02 -3.51
CA LEU C 220 21.94 23.87 -2.64
C LEU C 220 23.35 23.66 -2.10
N HIS C 221 24.34 23.84 -3.00
CA HIS C 221 25.76 23.61 -2.73
C HIS C 221 26.43 24.79 -2.04
N SER C 222 25.89 25.98 -2.31
CA SER C 222 26.31 27.25 -1.74
C SER C 222 26.17 27.30 -0.21
N ARG C 223 25.23 26.47 0.37
CA ARG C 223 24.98 26.37 1.80
C ARG C 223 25.14 24.92 2.27
N PRO D 199 15.92 -28.42 24.03
CA PRO D 199 15.91 -28.27 22.56
C PRO D 199 14.51 -27.90 22.03
N HIS D 200 13.82 -28.88 21.42
CA HIS D 200 12.44 -28.88 20.92
C HIS D 200 11.57 -29.16 22.14
N ARG D 201 12.09 -30.02 23.05
CA ARG D 201 11.46 -30.37 24.31
C ARG D 201 11.36 -29.10 25.19
N LEU D 202 12.41 -28.22 25.16
CA LEU D 202 12.44 -26.97 25.92
C LEU D 202 11.31 -26.03 25.49
N LEU D 203 11.17 -25.80 24.17
CA LEU D 203 10.12 -24.92 23.67
C LEU D 203 8.74 -25.40 24.12
N GLN D 204 8.45 -26.72 23.94
CA GLN D 204 7.19 -27.35 24.32
C GLN D 204 6.90 -27.11 25.80
N GLN D 205 7.93 -27.25 26.64
CA GLN D 205 7.81 -27.01 28.07
C GLN D 205 7.50 -25.56 28.41
N LEU D 206 8.19 -24.59 27.77
CA LEU D 206 7.96 -23.15 28.00
C LEU D 206 6.56 -22.75 27.56
N VAL D 207 6.04 -23.40 26.48
CA VAL D 207 4.69 -23.17 25.98
C VAL D 207 3.70 -23.69 27.02
N LEU D 208 3.90 -24.92 27.52
CA LEU D 208 2.99 -25.50 28.50
C LEU D 208 3.04 -24.80 29.85
N SER D 209 4.23 -24.31 30.26
CA SER D 209 4.41 -23.64 31.56
C SER D 209 4.06 -22.16 31.54
N GLY D 210 3.88 -21.62 30.34
CA GLY D 210 3.59 -20.21 30.14
C GLY D 210 4.76 -19.30 30.51
N ASN D 211 5.98 -19.72 30.15
CA ASN D 211 7.19 -18.95 30.44
C ASN D 211 7.99 -18.60 29.19
N LEU D 212 7.40 -18.81 28.02
CA LEU D 212 8.08 -18.56 26.76
C LEU D 212 8.59 -17.12 26.58
N ILE D 213 7.71 -16.10 26.75
CA ILE D 213 8.11 -14.69 26.53
C ILE D 213 9.17 -14.23 27.53
N LYS D 214 8.99 -14.55 28.84
CA LYS D 214 9.97 -14.23 29.91
C LYS D 214 11.35 -14.77 29.51
N GLU D 215 11.38 -16.05 29.07
CA GLU D 215 12.61 -16.77 28.71
C GLU D 215 13.25 -16.20 27.46
N ALA D 216 12.46 -15.88 26.44
CA ALA D 216 12.97 -15.27 25.21
C ALA D 216 13.58 -13.89 25.52
N VAL D 217 12.92 -13.07 26.38
CA VAL D 217 13.37 -11.73 26.78
C VAL D 217 14.72 -11.84 27.52
N ARG D 218 14.84 -12.85 28.40
CA ARG D 218 16.08 -13.10 29.16
C ARG D 218 17.24 -13.40 28.20
N ARG D 219 17.01 -14.26 27.18
CA ARG D 219 18.00 -14.67 26.17
C ARG D 219 18.47 -13.51 25.30
N LEU D 220 17.60 -12.53 25.06
CA LEU D 220 17.86 -11.33 24.25
C LEU D 220 18.85 -10.42 25.00
N HIS D 221 18.64 -10.31 26.33
CA HIS D 221 19.42 -9.44 27.21
C HIS D 221 20.74 -10.09 27.66
N SER D 222 20.75 -11.44 27.72
CA SER D 222 21.90 -12.27 28.06
C SER D 222 23.10 -12.05 27.12
#